data_8ZRD
#
_entry.id   8ZRD
#
_cell.length_a   116.187
_cell.length_b   116.187
_cell.length_c   248.496
_cell.angle_alpha   90.00
_cell.angle_beta   90.00
_cell.angle_gamma   120.00
#
_symmetry.space_group_name_H-M   'P 61 2 2'
#
loop_
_entity.id
_entity.type
_entity.pdbx_description
1 polymer 'Spike protein S1'
2 polymer 'llama single-domain antibody S4'
3 non-polymer 2-acetamido-2-deoxy-beta-D-glucopyranose
4 water water
#
loop_
_entity_poly.entity_id
_entity_poly.type
_entity_poly.pdbx_seq_one_letter_code
_entity_poly.pdbx_strand_id
1 'polypeptide(L)'
;ADPRVQPTESIVRFPNITNLCPFGEVFNATRFASVYAWNRKRISNCVADYSVLYNSASFSTFKCYGVSPTKLNDLCFTNV
YADSFVIRGDEVRQIAPGQTGKIADYNYKLPDDFTGCVIAWNSNNLDSKVGGNYNYLYRLFRKSNLKPFERDISTEIYQA
GSTPCNGVEGFNCYFPLQSYGFQPTNGVGYQPYRVVVLSFELLHAPATVCGPKKHHHHHH
;
A,E
2 'polypeptide(L)'
;MAVQLVESGGGFVQPGGSLRLSCLASGFAFGDHYMTWVRQAPGKGLEWVSDINNYGDNTFYSQSVKGRFTVSRDNAKNTL
YLEMKSLEPEDTALYYCARPRKDVGGSYLYTHFPGLTEYDYWGQGTQVTVSSGGGSLEHHHHHH
;
C,D
#
loop_
_chem_comp.id
_chem_comp.type
_chem_comp.name
_chem_comp.formula
NAG D-saccharide, beta linking 2-acetamido-2-deoxy-beta-D-glucopyranose 'C8 H15 N O6'
#
# COMPACT_ATOMS: atom_id res chain seq x y z
N LEU A 20 -1.23 14.67 -30.81
CA LEU A 20 -0.98 15.55 -29.68
C LEU A 20 -0.14 14.85 -28.61
N CYS A 21 0.42 15.62 -27.65
CA CYS A 21 1.22 15.06 -26.57
C CYS A 21 0.30 14.55 -25.45
N PRO A 22 0.55 13.35 -24.91
CA PRO A 22 -0.43 12.73 -23.99
C PRO A 22 -0.39 13.33 -22.58
N PHE A 23 -0.60 14.64 -22.47
CA PHE A 23 -0.63 15.26 -21.15
C PHE A 23 -1.91 14.96 -20.38
N GLY A 24 -2.96 14.44 -21.03
CA GLY A 24 -4.15 14.03 -20.30
C GLY A 24 -3.95 12.76 -19.49
N GLU A 25 -3.07 11.87 -19.96
CA GLU A 25 -2.76 10.63 -19.25
C GLU A 25 -2.06 10.87 -17.92
N VAL A 26 -1.41 12.01 -17.72
CA VAL A 26 -0.73 12.30 -16.45
C VAL A 26 -1.59 13.20 -15.57
N PHE A 27 -2.27 14.18 -16.16
CA PHE A 27 -2.94 15.18 -15.35
C PHE A 27 -4.25 14.68 -14.76
N ASN A 28 -5.03 13.92 -15.54
CA ASN A 28 -6.29 13.33 -15.09
C ASN A 28 -6.22 11.80 -15.01
N ALA A 29 -5.11 11.30 -14.47
CA ALA A 29 -5.04 9.89 -14.09
C ALA A 29 -5.91 9.64 -12.85
N THR A 30 -6.51 8.45 -12.80
CA THR A 30 -7.38 8.15 -11.66
C THR A 30 -6.55 7.96 -10.39
N ARG A 31 -5.37 7.36 -10.52
CA ARG A 31 -4.51 7.12 -9.38
C ARG A 31 -3.24 7.95 -9.50
N PHE A 32 -2.75 8.40 -8.35
CA PHE A 32 -1.50 9.13 -8.23
C PHE A 32 -0.59 8.39 -7.25
N ALA A 33 0.71 8.54 -7.47
CA ALA A 33 1.75 7.88 -6.70
C ALA A 33 1.93 8.53 -5.33
N SER A 34 2.47 7.75 -4.38
CA SER A 34 3.00 8.32 -3.14
C SER A 34 4.28 9.11 -3.42
N VAL A 35 4.58 10.07 -2.54
CA VAL A 35 5.63 11.01 -2.88
C VAL A 35 7.02 10.35 -2.84
N TYR A 36 7.25 9.44 -1.90
CA TYR A 36 8.48 8.67 -1.93
C TYR A 36 8.62 7.88 -3.21
N ALA A 37 7.50 7.47 -3.80
CA ALA A 37 7.59 6.75 -5.08
C ALA A 37 7.09 7.61 -6.24
N TRP A 38 7.55 8.85 -6.33
CA TRP A 38 6.97 9.79 -7.28
C TRP A 38 7.15 9.30 -8.70
N ASN A 39 6.14 9.57 -9.53
CA ASN A 39 6.06 9.05 -10.89
C ASN A 39 6.59 10.07 -11.88
N ARG A 40 7.23 9.56 -12.94
CA ARG A 40 7.74 10.41 -14.02
C ARG A 40 7.28 9.84 -15.36
N LYS A 41 6.63 10.68 -16.18
CA LYS A 41 6.21 10.34 -17.53
C LYS A 41 6.92 11.22 -18.54
N ARG A 42 7.51 10.59 -19.57
CA ARG A 42 8.32 11.26 -20.58
C ARG A 42 7.50 11.68 -21.79
N ILE A 43 7.71 12.92 -22.24
CA ILE A 43 6.97 13.50 -23.36
C ILE A 43 7.94 13.72 -24.52
N SER A 44 7.88 12.84 -25.53
CA SER A 44 8.83 12.85 -26.65
C SER A 44 8.10 12.68 -27.99
N ASN A 45 8.58 13.40 -29.01
CA ASN A 45 8.10 13.31 -30.39
C ASN A 45 6.58 13.49 -30.48
N CYS A 46 6.14 14.71 -30.22
CA CYS A 46 4.70 14.94 -30.16
C CYS A 46 4.44 16.43 -30.12
N VAL A 47 3.28 16.83 -30.60
CA VAL A 47 2.90 18.25 -30.66
C VAL A 47 2.10 18.57 -29.40
N ALA A 48 2.49 19.63 -28.70
CA ALA A 48 1.97 19.87 -27.36
C ALA A 48 1.06 21.10 -27.33
N ASP A 49 -0.13 20.89 -26.79
CA ASP A 49 -1.08 21.96 -26.54
C ASP A 49 -0.92 22.37 -25.08
N TYR A 50 -0.09 23.38 -24.83
CA TYR A 50 0.01 23.88 -23.46
C TYR A 50 -1.22 24.69 -23.04
N SER A 51 -2.03 25.17 -23.99
CA SER A 51 -3.17 25.97 -23.58
C SER A 51 -4.20 25.14 -22.83
N VAL A 52 -4.20 23.82 -23.06
CA VAL A 52 -5.12 22.91 -22.41
C VAL A 52 -4.97 22.92 -20.88
N LEU A 53 -3.78 23.24 -20.37
CA LEU A 53 -3.59 23.49 -18.94
C LEU A 53 -3.73 24.97 -18.58
N TYR A 54 -2.88 25.83 -19.17
CA TYR A 54 -2.81 27.19 -18.67
C TYR A 54 -4.06 27.99 -19.00
N ASN A 55 -5.18 27.31 -19.23
CA ASN A 55 -6.49 27.95 -19.24
C ASN A 55 -7.48 27.24 -18.30
N SER A 56 -6.97 26.56 -17.25
CA SER A 56 -7.77 25.77 -16.31
C SER A 56 -8.04 26.52 -14.98
N ALA A 57 -8.83 25.88 -14.10
CA ALA A 57 -9.42 26.56 -12.95
C ALA A 57 -9.40 25.65 -11.71
N SER A 58 -9.47 26.31 -10.53
CA SER A 58 -9.38 25.72 -9.19
C SER A 58 -8.10 24.91 -8.94
N PHE A 59 -7.14 24.96 -9.88
CA PHE A 59 -5.73 24.68 -9.58
C PHE A 59 -5.34 25.54 -8.39
N SER A 60 -4.77 24.92 -7.35
CA SER A 60 -4.38 25.73 -6.19
C SER A 60 -3.20 26.65 -6.50
N THR A 61 -2.17 26.16 -7.20
CA THR A 61 -0.95 26.92 -7.42
C THR A 61 -0.39 26.54 -8.78
N PHE A 62 0.14 27.53 -9.51
CA PHE A 62 0.72 27.30 -10.84
C PHE A 62 1.94 28.18 -11.04
N LYS A 63 2.85 28.21 -10.05
CA LYS A 63 4.11 28.95 -10.16
C LYS A 63 5.08 28.18 -11.01
N CYS A 64 5.61 28.84 -12.04
CA CYS A 64 6.70 28.28 -12.85
C CYS A 64 8.00 28.86 -12.29
N TYR A 65 8.72 28.04 -11.51
CA TYR A 65 10.01 28.47 -10.96
C TYR A 65 11.07 28.65 -12.04
N GLY A 66 10.92 27.95 -13.16
CA GLY A 66 11.79 28.17 -14.30
C GLY A 66 11.81 29.59 -14.81
N VAL A 67 12.54 30.47 -14.11
CA VAL A 67 12.56 31.92 -14.28
C VAL A 67 12.38 32.35 -15.75
N SER A 68 12.81 31.48 -16.69
CA SER A 68 12.43 31.57 -18.11
C SER A 68 10.91 31.62 -18.17
N PRO A 69 10.23 30.47 -18.24
CA PRO A 69 8.77 30.47 -18.22
C PRO A 69 8.20 31.04 -16.92
N THR A 70 7.63 32.27 -16.96
CA THR A 70 6.91 32.88 -15.82
C THR A 70 5.42 32.57 -15.86
N LYS A 71 4.87 32.60 -17.07
CA LYS A 71 3.60 32.03 -17.47
C LYS A 71 3.83 30.98 -18.56
N LEU A 72 5.09 30.81 -18.99
CA LEU A 72 5.56 29.97 -20.09
C LEU A 72 5.31 30.64 -21.44
N ASN A 73 4.77 29.85 -22.39
CA ASN A 73 4.32 30.23 -23.73
C ASN A 73 4.33 28.99 -24.60
N ASP A 74 4.37 29.20 -25.92
CA ASP A 74 4.57 28.12 -26.89
C ASP A 74 6.03 28.15 -27.35
N LEU A 75 6.88 27.55 -26.52
CA LEU A 75 8.29 27.33 -26.76
C LEU A 75 8.46 25.92 -27.34
N CYS A 76 9.70 25.58 -27.70
CA CYS A 76 10.01 24.24 -28.17
C CYS A 76 11.05 23.61 -27.24
N PHE A 77 10.86 22.33 -26.94
CA PHE A 77 11.65 21.63 -25.94
C PHE A 77 12.05 20.26 -26.46
N THR A 78 13.29 19.86 -26.23
CA THR A 78 13.72 18.53 -26.67
C THR A 78 12.84 17.44 -26.07
N ASN A 79 12.51 17.57 -24.78
CA ASN A 79 11.56 16.69 -24.11
C ASN A 79 10.92 17.46 -22.95
N VAL A 80 9.70 17.07 -22.60
CA VAL A 80 9.12 17.52 -21.35
C VAL A 80 8.97 16.31 -20.44
N TYR A 81 9.10 16.53 -19.13
CA TYR A 81 8.98 15.47 -18.13
C TYR A 81 7.96 15.89 -17.09
N ALA A 82 6.99 15.02 -16.83
CA ALA A 82 5.99 15.26 -15.81
C ALA A 82 6.21 14.34 -14.62
N ASP A 83 6.30 14.95 -13.44
CA ASP A 83 6.53 14.30 -12.17
C ASP A 83 5.27 14.48 -11.32
N SER A 84 4.71 13.39 -10.79
CA SER A 84 3.42 13.51 -10.13
C SER A 84 3.40 12.75 -8.82
N PHE A 85 2.64 13.27 -7.86
CA PHE A 85 2.54 12.63 -6.56
C PHE A 85 1.48 13.32 -5.70
N VAL A 86 1.27 12.83 -4.47
CA VAL A 86 0.31 13.39 -3.53
C VAL A 86 1.07 13.75 -2.26
N ILE A 87 0.94 15.00 -1.80
CA ILE A 87 1.51 15.40 -0.52
C ILE A 87 0.42 16.06 0.30
N ARG A 88 0.74 16.37 1.56
CA ARG A 88 -0.16 17.19 2.36
C ARG A 88 -0.22 18.61 1.81
N GLY A 89 -1.12 19.40 2.39
CA GLY A 89 -1.29 20.76 1.92
C GLY A 89 -0.18 21.67 2.42
N ASP A 90 0.11 21.59 3.71
CA ASP A 90 1.23 22.35 4.28
C ASP A 90 2.54 22.13 3.52
N GLU A 91 2.79 20.93 3.00
CA GLU A 91 4.10 20.58 2.47
C GLU A 91 4.31 20.96 1.01
N VAL A 92 3.31 21.56 0.34
CA VAL A 92 3.53 21.87 -1.09
C VAL A 92 4.46 23.07 -1.26
N ARG A 93 4.58 23.92 -0.25
CA ARG A 93 5.66 24.91 -0.21
C ARG A 93 7.00 24.30 -0.63
N GLN A 94 7.28 23.08 -0.16
CA GLN A 94 8.60 22.51 -0.35
C GLN A 94 8.86 22.13 -1.79
N ILE A 95 7.82 21.97 -2.61
CA ILE A 95 8.07 21.43 -3.95
C ILE A 95 8.61 22.54 -4.82
N ALA A 96 9.83 23.01 -4.49
CA ALA A 96 10.35 24.24 -5.08
C ALA A 96 11.80 24.52 -4.66
N PRO A 97 12.57 25.08 -5.59
CA PRO A 97 13.92 25.57 -5.27
C PRO A 97 14.24 25.97 -3.84
N GLY A 98 15.30 25.36 -3.32
CA GLY A 98 15.94 25.82 -2.13
C GLY A 98 15.23 25.61 -0.82
N GLN A 99 14.24 24.73 -0.75
CA GLN A 99 13.57 24.55 0.53
C GLN A 99 14.07 23.29 1.22
N THR A 100 13.61 23.09 2.45
CA THR A 100 13.94 21.90 3.21
C THR A 100 12.68 21.38 3.90
N GLY A 101 12.85 20.33 4.69
CA GLY A 101 11.76 19.63 5.32
C GLY A 101 11.64 18.20 4.82
N LYS A 102 10.83 17.42 5.55
CA LYS A 102 10.66 16.01 5.23
C LYS A 102 10.40 15.78 3.74
N ILE A 103 9.61 16.62 3.09
CA ILE A 103 9.28 16.31 1.71
C ILE A 103 10.44 16.62 0.77
N ALA A 104 11.14 17.73 1.00
CA ALA A 104 12.20 18.11 0.06
C ALA A 104 13.53 17.44 0.39
N ASP A 105 13.72 17.03 1.65
CA ASP A 105 14.93 16.33 2.07
C ASP A 105 14.87 14.85 1.75
N TYR A 106 13.77 14.19 2.11
CA TYR A 106 13.73 12.75 2.06
C TYR A 106 12.88 12.19 0.94
N ASN A 107 12.14 13.04 0.20
CA ASN A 107 11.16 12.47 -0.70
C ASN A 107 11.31 13.01 -2.12
N TYR A 108 11.16 14.31 -2.31
CA TYR A 108 11.23 14.88 -3.65
C TYR A 108 11.89 16.24 -3.55
N LYS A 109 12.98 16.44 -4.30
CA LYS A 109 13.76 17.66 -4.19
C LYS A 109 14.07 18.23 -5.56
N LEU A 110 13.76 19.53 -5.75
CA LEU A 110 14.08 20.13 -7.02
C LEU A 110 15.45 20.81 -6.96
N PRO A 111 16.13 20.92 -8.09
CA PRO A 111 17.41 21.63 -8.12
C PRO A 111 17.22 23.13 -8.02
N ASP A 112 18.32 23.81 -7.76
CA ASP A 112 18.28 25.26 -7.77
C ASP A 112 18.29 25.83 -9.19
N ASP A 113 18.85 25.11 -10.15
CA ASP A 113 18.87 25.57 -11.55
C ASP A 113 17.61 25.19 -12.32
N PHE A 114 16.44 25.20 -11.67
CA PHE A 114 15.24 24.58 -12.22
C PHE A 114 14.54 25.49 -13.24
N THR A 115 14.20 24.92 -14.40
CA THR A 115 13.34 25.59 -15.37
C THR A 115 12.14 24.69 -15.68
N GLY A 116 10.97 25.09 -15.17
CA GLY A 116 9.73 24.36 -15.31
C GLY A 116 8.71 24.88 -14.31
N CYS A 117 7.58 24.17 -14.19
CA CYS A 117 6.46 24.66 -13.36
C CYS A 117 6.00 23.65 -12.33
N VAL A 118 5.44 24.18 -11.24
CA VAL A 118 4.94 23.41 -10.11
C VAL A 118 3.43 23.59 -10.05
N ILE A 119 2.69 22.67 -10.67
CA ILE A 119 1.23 22.68 -10.68
C ILE A 119 0.71 21.78 -9.57
N ALA A 120 -0.31 22.25 -8.83
CA ALA A 120 -0.82 21.49 -7.69
C ALA A 120 -2.28 21.85 -7.40
N TRP A 121 -3.09 20.84 -7.01
CA TRP A 121 -4.52 21.07 -6.72
C TRP A 121 -5.03 20.26 -5.54
N ASN A 122 -6.02 20.81 -4.84
CA ASN A 122 -6.64 20.10 -3.71
C ASN A 122 -7.46 18.92 -4.22
N SER A 123 -7.14 17.74 -3.71
CA SER A 123 -7.78 16.50 -4.10
C SER A 123 -8.36 15.77 -2.89
N ASN A 124 -8.88 16.51 -1.91
CA ASN A 124 -9.70 15.92 -0.86
C ASN A 124 -10.81 15.06 -1.43
N ASN A 125 -11.38 15.46 -2.58
CA ASN A 125 -12.50 14.75 -3.17
C ASN A 125 -12.12 13.32 -3.56
N LEU A 126 -10.88 13.10 -3.95
CA LEU A 126 -10.47 11.82 -4.50
C LEU A 126 -9.59 11.01 -3.58
N ASP A 127 -8.87 11.63 -2.65
CA ASP A 127 -7.78 10.97 -1.95
C ASP A 127 -8.00 10.90 -0.43
N SER A 128 -9.17 11.31 0.05
CA SER A 128 -9.60 11.09 1.42
C SER A 128 -10.63 9.96 1.44
N LYS A 129 -10.66 9.22 2.57
CA LYS A 129 -11.64 8.16 2.81
C LYS A 129 -12.25 8.35 4.18
N VAL A 130 -13.57 8.13 4.27
CA VAL A 130 -14.30 8.09 5.55
C VAL A 130 -13.61 7.13 6.50
N GLY A 131 -13.09 7.66 7.61
CA GLY A 131 -12.23 6.89 8.47
C GLY A 131 -10.79 6.78 8.00
N GLY A 132 -10.44 7.45 6.91
CA GLY A 132 -9.06 7.52 6.51
C GLY A 132 -8.68 6.75 5.26
N ASN A 133 -7.96 7.44 4.38
CA ASN A 133 -7.12 6.82 3.37
C ASN A 133 -5.70 6.77 3.93
N TYR A 134 -5.07 5.61 3.84
CA TYR A 134 -3.71 5.43 4.30
C TYR A 134 -2.81 4.87 3.20
N ASN A 135 -3.24 4.97 1.95
CA ASN A 135 -2.45 4.40 0.86
C ASN A 135 -1.28 5.27 0.44
N TYR A 136 -1.33 6.56 0.75
CA TYR A 136 -0.28 7.49 0.38
C TYR A 136 0.73 7.57 1.50
N LEU A 137 2.01 7.48 1.16
CA LEU A 137 3.08 7.37 2.15
C LEU A 137 4.14 8.41 1.86
N TYR A 138 4.94 8.71 2.88
CA TYR A 138 6.16 9.49 2.69
C TYR A 138 7.30 8.89 3.51
N ARG A 139 8.50 9.18 3.07
CA ARG A 139 9.70 8.79 3.80
C ARG A 139 9.89 9.76 4.96
N LEU A 140 10.00 9.23 6.18
CA LEU A 140 10.15 10.05 7.39
C LEU A 140 11.55 10.04 7.97
N PHE A 141 12.33 8.98 7.73
CA PHE A 141 13.72 8.88 8.14
C PHE A 141 14.58 8.56 6.93
N ARG A 142 15.81 9.06 6.96
CA ARG A 142 16.78 8.79 5.91
C ARG A 142 18.12 9.30 6.41
N LYS A 143 19.18 8.53 6.11
CA LYS A 143 20.49 8.85 6.62
C LYS A 143 21.10 10.07 5.94
N SER A 144 20.53 10.53 4.83
CA SER A 144 21.09 11.66 4.09
C SER A 144 19.97 12.33 3.28
N ASN A 145 20.26 13.50 2.72
CA ASN A 145 19.26 14.21 1.90
C ASN A 145 19.37 13.78 0.44
N LEU A 146 18.24 13.84 -0.27
CA LEU A 146 18.26 13.47 -1.68
C LEU A 146 19.01 14.51 -2.50
N LYS A 147 19.61 14.05 -3.58
CA LYS A 147 20.05 14.92 -4.65
C LYS A 147 18.86 15.30 -5.53
N PRO A 148 19.00 16.34 -6.35
CA PRO A 148 17.85 16.74 -7.18
C PRO A 148 17.43 15.63 -8.13
N PHE A 149 16.11 15.35 -8.15
CA PHE A 149 15.46 14.37 -9.01
C PHE A 149 15.84 12.95 -8.69
N GLU A 150 16.20 12.69 -7.43
CA GLU A 150 16.54 11.35 -7.01
C GLU A 150 15.37 10.69 -6.30
N ARG A 151 15.20 9.38 -6.53
CA ARG A 151 14.10 8.62 -5.95
C ARG A 151 14.64 7.49 -5.07
N ASP A 152 14.00 7.28 -3.92
CA ASP A 152 14.36 6.23 -2.98
C ASP A 152 13.09 5.46 -2.64
N ILE A 153 12.99 4.20 -3.08
CA ILE A 153 11.83 3.36 -2.77
C ILE A 153 12.19 2.20 -1.88
N SER A 154 13.38 2.22 -1.28
CA SER A 154 13.80 1.16 -0.36
C SER A 154 12.95 1.16 0.92
N THR A 155 12.94 0.01 1.60
CA THR A 155 12.24 -0.13 2.87
C THR A 155 13.15 -0.74 3.92
N GLU A 156 14.44 -0.46 3.84
CA GLU A 156 15.36 -0.90 4.88
C GLU A 156 15.06 -0.16 6.17
N ILE A 157 14.85 -0.93 7.24
CA ILE A 157 14.71 -0.33 8.55
C ILE A 157 15.80 0.72 8.78
N TYR A 158 15.39 1.83 9.40
CA TYR A 158 16.28 2.94 9.69
C TYR A 158 16.89 2.78 11.09
N GLN A 159 18.21 2.84 11.16
CA GLN A 159 18.92 2.70 12.43
C GLN A 159 19.14 4.10 13.04
N ALA A 160 18.40 4.41 14.11
CA ALA A 160 18.52 5.72 14.76
C ALA A 160 19.66 5.75 15.78
N GLY A 161 19.82 4.70 16.55
CA GLY A 161 20.92 4.60 17.48
C GLY A 161 22.14 3.91 16.90
N SER A 162 22.82 3.14 17.76
CA SER A 162 24.05 2.44 17.42
C SER A 162 23.92 0.92 17.48
N THR A 163 23.02 0.40 18.29
CA THR A 163 22.71 -1.03 18.18
C THR A 163 22.08 -1.29 16.81
N PRO A 164 22.62 -2.17 15.99
CA PRO A 164 22.02 -2.43 14.67
C PRO A 164 20.70 -3.16 14.82
N CYS A 165 19.94 -3.18 13.73
CA CYS A 165 18.54 -3.59 13.82
C CYS A 165 18.29 -5.04 13.43
N ASN A 166 18.98 -5.56 12.41
CA ASN A 166 18.90 -6.97 12.02
C ASN A 166 17.47 -7.38 11.68
N GLY A 167 16.80 -6.55 10.87
CA GLY A 167 15.45 -6.83 10.41
C GLY A 167 14.35 -6.66 11.43
N VAL A 168 14.67 -6.33 12.68
CA VAL A 168 13.67 -6.26 13.75
C VAL A 168 13.37 -4.81 14.12
N GLU A 169 12.10 -4.44 14.00
CA GLU A 169 11.66 -3.10 14.40
C GLU A 169 11.52 -3.00 15.91
N GLY A 170 11.98 -1.88 16.45
CA GLY A 170 11.72 -1.55 17.83
C GLY A 170 12.39 -0.23 18.16
N PHE A 171 12.85 -0.10 19.39
CA PHE A 171 13.47 1.16 19.79
C PHE A 171 14.65 1.46 18.90
N ASN A 172 14.63 2.63 18.28
CA ASN A 172 15.69 3.14 17.44
C ASN A 172 15.75 2.42 16.11
N CYS A 173 14.68 1.70 15.75
CA CYS A 173 14.68 0.82 14.59
C CYS A 173 13.33 0.98 13.92
N TYR A 174 13.21 2.02 13.09
CA TYR A 174 11.91 2.48 12.59
C TYR A 174 11.76 2.17 11.11
N PHE A 175 10.64 1.56 10.76
CA PHE A 175 10.25 1.48 9.37
C PHE A 175 10.27 2.88 8.77
N PRO A 176 10.96 3.08 7.65
CA PRO A 176 11.22 4.44 7.20
C PRO A 176 10.01 5.17 6.61
N LEU A 177 9.00 4.47 6.14
CA LEU A 177 7.86 5.19 5.58
C LEU A 177 6.75 5.34 6.63
N GLN A 178 5.96 6.40 6.46
CA GLN A 178 4.80 6.70 7.28
C GLN A 178 3.65 7.04 6.34
N SER A 179 2.43 6.76 6.76
CA SER A 179 1.28 7.10 5.95
C SER A 179 0.66 8.41 6.42
N TYR A 180 0.19 9.19 5.47
CA TYR A 180 -0.72 10.29 5.77
C TYR A 180 -2.08 9.75 6.20
N GLY A 181 -2.63 10.32 7.27
CA GLY A 181 -3.98 9.93 7.63
C GLY A 181 -4.93 10.92 7.00
N PHE A 182 -5.34 10.64 5.76
CA PHE A 182 -6.15 11.56 4.98
C PHE A 182 -7.62 11.28 5.32
N GLN A 183 -8.24 12.21 6.04
CA GLN A 183 -9.66 12.16 6.35
C GLN A 183 -10.32 13.45 5.85
N PRO A 184 -11.57 13.39 5.39
CA PRO A 184 -12.18 14.61 4.81
C PRO A 184 -12.39 15.74 5.82
N THR A 185 -12.26 15.45 7.13
CA THR A 185 -12.63 16.42 8.15
C THR A 185 -11.51 17.42 8.46
N ASN A 186 -10.23 16.97 8.46
CA ASN A 186 -9.16 17.78 9.02
C ASN A 186 -8.81 18.96 8.10
N GLY A 187 -8.07 19.90 8.67
CA GLY A 187 -7.90 21.22 8.05
C GLY A 187 -7.28 21.16 6.68
N VAL A 188 -7.40 22.28 5.95
CA VAL A 188 -6.93 22.34 4.57
C VAL A 188 -5.43 22.08 4.46
N GLY A 189 -4.69 22.37 5.53
CA GLY A 189 -3.26 22.15 5.52
C GLY A 189 -2.89 20.68 5.61
N TYR A 190 -3.74 19.86 6.22
CA TYR A 190 -3.53 18.41 6.28
C TYR A 190 -4.29 17.66 5.19
N GLN A 191 -4.91 18.34 4.26
CA GLN A 191 -5.65 17.65 3.23
C GLN A 191 -4.73 17.25 2.08
N PRO A 192 -5.08 16.20 1.35
CA PRO A 192 -4.22 15.77 0.26
C PRO A 192 -4.30 16.72 -0.92
N TYR A 193 -3.16 16.96 -1.57
CA TYR A 193 -3.05 17.74 -2.78
C TYR A 193 -2.27 16.94 -3.80
N ARG A 194 -2.72 16.97 -5.05
CA ARG A 194 -1.94 16.34 -6.09
C ARG A 194 -1.02 17.39 -6.65
N VAL A 195 0.11 16.96 -7.20
CA VAL A 195 1.13 17.88 -7.63
C VAL A 195 1.70 17.35 -8.93
N VAL A 196 1.80 18.21 -9.93
CA VAL A 196 2.52 17.92 -11.14
C VAL A 196 3.70 18.88 -11.21
N VAL A 197 4.83 18.38 -11.72
CA VAL A 197 6.02 19.19 -11.90
C VAL A 197 6.46 18.99 -13.34
N LEU A 198 6.41 20.04 -14.13
CA LEU A 198 6.88 19.96 -15.51
C LEU A 198 8.29 20.50 -15.55
N SER A 199 9.18 19.75 -16.19
CA SER A 199 10.56 20.17 -16.36
C SER A 199 10.89 20.04 -17.83
N PHE A 200 11.67 21.00 -18.31
CA PHE A 200 11.90 21.18 -19.74
C PHE A 200 13.35 20.87 -20.07
N GLU A 201 13.56 19.85 -20.90
CA GLU A 201 14.88 19.43 -21.30
C GLU A 201 15.24 20.14 -22.61
N LEU A 202 16.42 20.77 -22.62
CA LEU A 202 16.94 21.48 -23.79
C LEU A 202 18.28 20.87 -24.20
N LEU A 203 18.21 19.76 -24.95
CA LEU A 203 19.39 19.12 -25.52
C LEU A 203 19.61 19.53 -26.97
N HIS A 204 20.82 19.22 -27.46
CA HIS A 204 21.17 19.37 -28.89
C HIS A 204 20.47 18.30 -29.72
N ALA A 205 19.25 18.59 -30.13
CA ALA A 205 18.50 17.63 -30.92
C ALA A 205 17.16 18.25 -31.29
N PRO A 206 16.43 17.65 -32.22
CA PRO A 206 15.21 18.29 -32.72
C PRO A 206 14.25 18.54 -31.58
N ALA A 207 13.78 19.78 -31.46
CA ALA A 207 12.83 20.17 -30.42
C ALA A 207 11.46 19.55 -30.72
N THR A 208 11.06 18.53 -29.93
CA THR A 208 9.88 17.74 -30.24
C THR A 208 8.64 18.12 -29.42
N VAL A 209 8.51 19.36 -28.93
CA VAL A 209 7.32 19.71 -28.15
C VAL A 209 7.11 21.22 -27.89
N VAL B 3 -24.98 -6.61 -29.47
CA VAL B 3 -25.17 -5.36 -30.18
C VAL B 3 -25.66 -4.23 -29.25
N GLN B 4 -26.55 -4.53 -28.30
CA GLN B 4 -27.09 -3.46 -27.47
C GLN B 4 -27.47 -3.96 -26.08
N LEU B 5 -27.04 -3.21 -25.06
CA LEU B 5 -27.47 -3.40 -23.69
C LEU B 5 -27.92 -2.05 -23.16
N VAL B 6 -29.11 -2.02 -22.55
CA VAL B 6 -29.71 -0.77 -22.10
C VAL B 6 -30.23 -0.95 -20.68
N GLU B 7 -29.79 -0.06 -19.79
CA GLU B 7 -30.10 -0.11 -18.38
C GLU B 7 -31.14 0.95 -18.01
N SER B 8 -32.09 0.56 -17.16
CA SER B 8 -33.08 1.51 -16.63
C SER B 8 -33.27 1.24 -15.14
N GLY B 9 -33.97 2.17 -14.47
CA GLY B 9 -34.34 2.03 -13.08
C GLY B 9 -33.60 2.93 -12.11
N GLY B 10 -32.62 3.71 -12.58
CA GLY B 10 -31.80 4.51 -11.68
C GLY B 10 -32.52 5.76 -11.20
N GLY B 11 -31.96 6.38 -10.16
CA GLY B 11 -32.60 7.56 -9.60
C GLY B 11 -32.02 7.96 -8.25
N PHE B 12 -32.87 8.65 -7.47
CA PHE B 12 -32.53 9.20 -6.16
C PHE B 12 -33.31 8.47 -5.08
N VAL B 13 -32.66 8.17 -3.95
CA VAL B 13 -33.33 7.49 -2.86
C VAL B 13 -32.70 7.89 -1.53
N GLN B 14 -33.40 7.58 -0.43
CA GLN B 14 -32.96 7.92 0.91
C GLN B 14 -32.05 6.82 1.48
N PRO B 15 -31.10 7.16 2.35
CA PRO B 15 -30.33 6.14 3.05
C PRO B 15 -31.21 5.05 3.61
N GLY B 16 -30.89 3.79 3.34
CA GLY B 16 -31.77 2.70 3.71
C GLY B 16 -32.80 2.36 2.65
N GLY B 17 -32.89 3.18 1.60
CA GLY B 17 -33.86 2.99 0.55
C GLY B 17 -33.57 1.80 -0.34
N SER B 18 -34.33 1.75 -1.45
CA SER B 18 -34.31 0.63 -2.37
C SER B 18 -34.46 1.14 -3.81
N LEU B 19 -34.15 0.25 -4.76
CA LEU B 19 -34.23 0.47 -6.20
C LEU B 19 -34.24 -0.90 -6.86
N ARG B 20 -34.65 -0.92 -8.13
CA ARG B 20 -34.68 -2.14 -8.95
C ARG B 20 -34.09 -1.74 -10.31
N LEU B 21 -32.84 -2.13 -10.53
CA LEU B 21 -32.18 -1.84 -11.79
C LEU B 21 -32.51 -2.91 -12.81
N SER B 22 -32.64 -2.50 -14.06
CA SER B 22 -32.96 -3.42 -15.15
C SER B 22 -31.99 -3.15 -16.30
N CYS B 23 -31.48 -4.22 -16.88
CA CYS B 23 -30.71 -4.15 -18.11
C CYS B 23 -31.42 -5.00 -19.17
N LEU B 24 -31.82 -4.36 -20.26
CA LEU B 24 -32.45 -5.04 -21.38
C LEU B 24 -31.40 -5.40 -22.43
N ALA B 25 -31.25 -6.70 -22.71
CA ALA B 25 -30.23 -7.19 -23.63
C ALA B 25 -30.85 -7.59 -24.97
N SER B 26 -30.18 -7.21 -26.04
CA SER B 26 -30.70 -7.38 -27.39
C SER B 26 -29.55 -7.64 -28.35
N GLY B 27 -29.71 -8.65 -29.21
CA GLY B 27 -28.76 -8.89 -30.28
C GLY B 27 -27.81 -10.04 -30.06
N PHE B 28 -28.14 -11.00 -29.19
CA PHE B 28 -27.36 -12.21 -28.98
C PHE B 28 -28.15 -13.11 -28.05
N ALA B 29 -27.61 -14.32 -27.81
CA ALA B 29 -28.27 -15.38 -27.03
C ALA B 29 -28.08 -15.12 -25.54
N PHE B 30 -28.99 -14.31 -24.99
CA PHE B 30 -28.89 -13.90 -23.59
C PHE B 30 -28.83 -15.09 -22.64
N GLY B 31 -29.42 -16.22 -23.00
CA GLY B 31 -29.33 -17.35 -22.10
C GLY B 31 -28.00 -18.06 -22.13
N ASP B 32 -27.12 -17.68 -23.04
CA ASP B 32 -25.89 -18.40 -23.30
C ASP B 32 -24.66 -17.77 -22.65
N HIS B 33 -24.82 -16.75 -21.81
CA HIS B 33 -23.69 -15.97 -21.32
C HIS B 33 -23.84 -15.61 -19.85
N TYR B 34 -22.69 -15.41 -19.19
CA TYR B 34 -22.69 -14.76 -17.88
C TYR B 34 -22.97 -13.28 -18.06
N MET B 35 -23.63 -12.67 -17.07
CA MET B 35 -23.88 -11.23 -17.09
C MET B 35 -23.41 -10.62 -15.77
N THR B 36 -23.06 -9.33 -15.83
CA THR B 36 -22.30 -8.65 -14.77
C THR B 36 -22.84 -7.24 -14.51
N TRP B 37 -22.85 -6.85 -13.23
CA TRP B 37 -23.02 -5.45 -12.81
C TRP B 37 -21.69 -4.93 -12.32
N VAL B 38 -21.28 -3.79 -12.84
CA VAL B 38 -20.18 -3.02 -12.29
C VAL B 38 -20.69 -1.60 -12.08
N ARG B 39 -19.98 -0.84 -11.25
CA ARG B 39 -20.40 0.53 -11.02
C ARG B 39 -19.15 1.38 -11.02
N GLN B 40 -19.34 2.67 -11.28
CA GLN B 40 -18.21 3.61 -11.30
C GLN B 40 -18.64 4.95 -10.72
N ALA B 41 -18.00 5.32 -9.62
CA ALA B 41 -18.14 6.66 -9.09
C ALA B 41 -17.21 7.58 -9.85
N PRO B 42 -17.58 8.84 -10.06
CA PRO B 42 -16.70 9.77 -10.78
C PRO B 42 -15.39 9.98 -10.02
N GLY B 43 -14.30 10.11 -10.78
CA GLY B 43 -12.97 10.22 -10.22
C GLY B 43 -12.25 8.90 -10.04
N LYS B 44 -12.98 7.84 -9.73
CA LYS B 44 -12.40 6.55 -9.44
C LYS B 44 -12.55 5.61 -10.65
N GLY B 45 -11.84 4.47 -10.59
CA GLY B 45 -11.98 3.45 -11.61
C GLY B 45 -13.28 2.67 -11.48
N LEU B 46 -13.32 1.40 -11.87
CA LEU B 46 -14.50 0.56 -11.80
C LEU B 46 -14.52 -0.28 -10.53
N GLU B 47 -15.71 -0.55 -10.04
CA GLU B 47 -15.89 -1.47 -8.93
C GLU B 47 -16.80 -2.58 -9.41
N TRP B 48 -16.32 -3.81 -9.32
CA TRP B 48 -17.15 -4.95 -9.70
C TRP B 48 -18.23 -5.13 -8.65
N VAL B 49 -19.48 -5.31 -9.08
CA VAL B 49 -20.61 -5.49 -8.15
C VAL B 49 -21.08 -6.95 -8.14
N SER B 50 -21.61 -7.44 -9.26
CA SER B 50 -22.17 -8.79 -9.18
C SER B 50 -21.99 -9.57 -10.50
N ASP B 51 -21.96 -10.90 -10.36
CA ASP B 51 -21.94 -11.83 -11.49
C ASP B 51 -23.08 -12.84 -11.36
N ILE B 52 -23.69 -13.14 -12.50
CA ILE B 52 -24.70 -14.19 -12.58
C ILE B 52 -24.38 -15.07 -13.78
N ASN B 53 -24.46 -16.38 -13.57
CA ASN B 53 -24.27 -17.37 -14.62
C ASN B 53 -25.51 -17.44 -15.52
N ASN B 54 -25.50 -18.41 -16.45
CA ASN B 54 -26.53 -18.48 -17.49
C ASN B 54 -27.92 -18.66 -16.89
N TYR B 55 -28.11 -19.72 -16.12
CA TYR B 55 -29.43 -20.08 -15.62
C TYR B 55 -29.89 -19.23 -14.46
N GLY B 56 -28.97 -18.58 -13.75
CA GLY B 56 -29.28 -17.91 -12.50
C GLY B 56 -29.06 -18.76 -11.27
N ASP B 57 -28.70 -20.04 -11.43
CA ASP B 57 -28.37 -20.88 -10.29
C ASP B 57 -27.14 -20.38 -9.54
N ASN B 58 -26.29 -19.57 -10.17
CA ASN B 58 -25.08 -19.10 -9.50
C ASN B 58 -24.95 -17.58 -9.60
N THR B 59 -24.70 -16.98 -8.45
CA THR B 59 -24.56 -15.54 -8.31
C THR B 59 -23.31 -15.26 -7.47
N PHE B 60 -22.58 -14.23 -7.86
CA PHE B 60 -21.40 -13.78 -7.12
C PHE B 60 -21.55 -12.31 -6.76
N TYR B 61 -21.14 -11.95 -5.54
CA TYR B 61 -21.33 -10.62 -4.97
C TYR B 61 -20.04 -10.11 -4.35
N SER B 62 -19.71 -8.83 -4.60
CA SER B 62 -18.59 -8.21 -3.89
C SER B 62 -18.90 -8.07 -2.40
N GLN B 63 -17.86 -8.01 -1.58
CA GLN B 63 -18.10 -7.99 -0.13
C GLN B 63 -18.95 -6.76 0.28
N SER B 64 -18.82 -5.66 -0.47
CA SER B 64 -19.51 -4.42 -0.16
C SER B 64 -21.03 -4.58 -0.20
N VAL B 65 -21.53 -5.37 -1.14
CA VAL B 65 -22.96 -5.43 -1.39
C VAL B 65 -23.58 -6.77 -0.99
N LYS B 66 -22.78 -7.77 -0.63
CA LYS B 66 -23.32 -9.06 -0.23
C LYS B 66 -24.27 -8.90 0.95
N GLY B 67 -25.43 -9.54 0.85
CA GLY B 67 -26.46 -9.41 1.84
C GLY B 67 -27.37 -8.22 1.64
N ARG B 68 -26.99 -7.28 0.78
CA ARG B 68 -27.77 -6.08 0.48
C ARG B 68 -28.26 -6.04 -0.95
N PHE B 69 -27.49 -6.55 -1.91
CA PHE B 69 -27.95 -6.61 -3.29
C PHE B 69 -28.31 -8.04 -3.63
N THR B 70 -29.03 -8.18 -4.73
CA THR B 70 -29.51 -9.47 -5.22
C THR B 70 -29.60 -9.39 -6.73
N VAL B 71 -28.79 -10.19 -7.43
CA VAL B 71 -28.79 -10.16 -8.89
C VAL B 71 -29.79 -11.21 -9.38
N SER B 72 -30.49 -10.87 -10.46
CA SER B 72 -31.57 -11.72 -10.91
C SER B 72 -31.60 -11.70 -12.42
N ARG B 73 -32.03 -12.85 -12.98
CA ARG B 73 -31.99 -13.12 -14.40
C ARG B 73 -33.30 -13.75 -14.87
N ASP B 74 -33.96 -13.14 -15.86
CA ASP B 74 -35.07 -13.79 -16.57
C ASP B 74 -34.68 -13.93 -18.04
N ASN B 75 -34.38 -15.16 -18.45
CA ASN B 75 -33.84 -15.37 -19.79
C ASN B 75 -34.91 -15.20 -20.87
N ALA B 76 -36.17 -15.48 -20.52
CA ALA B 76 -37.27 -15.23 -21.44
C ALA B 76 -37.29 -13.77 -21.88
N LYS B 77 -37.25 -12.83 -20.92
CA LYS B 77 -37.39 -11.42 -21.24
C LYS B 77 -36.07 -10.77 -21.72
N ASN B 78 -34.98 -11.54 -21.82
CA ASN B 78 -33.65 -11.03 -22.18
C ASN B 78 -33.23 -9.86 -21.27
N THR B 79 -33.38 -10.06 -19.95
CA THR B 79 -33.35 -8.97 -18.99
C THR B 79 -32.49 -9.29 -17.78
N LEU B 80 -31.69 -8.30 -17.36
CA LEU B 80 -30.81 -8.45 -16.20
C LEU B 80 -31.31 -7.52 -15.10
N TYR B 81 -31.36 -8.05 -13.88
CA TYR B 81 -31.93 -7.35 -12.73
C TYR B 81 -30.89 -7.18 -11.63
N LEU B 82 -31.01 -6.07 -10.91
CA LEU B 82 -30.33 -5.87 -9.64
C LEU B 82 -31.29 -5.14 -8.70
N GLU B 83 -31.68 -5.78 -7.61
CA GLU B 83 -32.53 -5.13 -6.63
C GLU B 83 -31.68 -4.72 -5.42
N MET B 84 -31.55 -3.41 -5.23
CA MET B 84 -30.75 -2.84 -4.16
C MET B 84 -31.62 -2.54 -2.93
N LYS B 85 -31.12 -2.89 -1.74
CA LYS B 85 -31.74 -2.60 -0.47
C LYS B 85 -30.70 -2.02 0.46
N SER B 86 -31.15 -1.38 1.54
CA SER B 86 -30.25 -0.70 2.47
C SER B 86 -29.21 0.10 1.71
N LEU B 87 -29.68 0.92 0.77
CA LEU B 87 -28.78 1.75 0.00
C LEU B 87 -28.07 2.76 0.90
N GLU B 88 -26.84 3.09 0.55
CA GLU B 88 -25.91 3.81 1.40
C GLU B 88 -25.22 4.92 0.62
N PRO B 89 -24.75 5.97 1.29
CA PRO B 89 -24.15 7.07 0.53
C PRO B 89 -23.01 6.63 -0.36
N GLU B 90 -22.27 5.60 0.02
CA GLU B 90 -21.14 5.24 -0.82
C GLU B 90 -21.51 4.26 -1.96
N ASP B 91 -22.76 3.80 -2.05
CA ASP B 91 -23.27 3.12 -3.23
C ASP B 91 -23.64 4.06 -4.36
N THR B 92 -23.38 5.37 -4.24
CA THR B 92 -23.76 6.32 -5.27
C THR B 92 -22.75 6.28 -6.41
N ALA B 93 -23.22 5.98 -7.63
CA ALA B 93 -22.33 5.77 -8.78
C ALA B 93 -23.16 5.60 -10.06
N LEU B 94 -22.46 5.38 -11.15
CA LEU B 94 -23.07 4.97 -12.41
C LEU B 94 -23.03 3.45 -12.48
N TYR B 95 -24.19 2.82 -12.62
CA TYR B 95 -24.31 1.36 -12.60
C TYR B 95 -24.47 0.84 -14.03
N TYR B 96 -23.58 -0.07 -14.42
CA TYR B 96 -23.51 -0.66 -15.75
C TYR B 96 -23.82 -2.15 -15.70
N CYS B 97 -24.56 -2.65 -16.67
CA CYS B 97 -24.51 -4.08 -16.97
C CYS B 97 -23.49 -4.29 -18.08
N ALA B 98 -22.72 -5.37 -17.95
CA ALA B 98 -21.74 -5.70 -18.96
C ALA B 98 -21.72 -7.21 -19.13
N ARG B 99 -21.33 -7.65 -20.33
CA ARG B 99 -21.11 -9.06 -20.59
C ARG B 99 -19.62 -9.35 -20.65
N PRO B 100 -19.13 -10.36 -19.96
CA PRO B 100 -17.72 -10.74 -20.12
C PRO B 100 -17.46 -11.37 -21.48
N ARG B 101 -16.22 -11.20 -21.98
CA ARG B 101 -15.84 -11.83 -23.23
C ARG B 101 -15.86 -13.35 -23.10
N LYS B 102 -15.43 -13.87 -21.95
CA LYS B 102 -15.32 -15.31 -21.72
C LYS B 102 -15.82 -15.64 -20.32
N ASP B 103 -16.80 -16.53 -20.25
CA ASP B 103 -17.46 -16.84 -18.99
C ASP B 103 -16.65 -17.79 -18.11
N VAL B 104 -15.47 -18.20 -18.54
CA VAL B 104 -14.58 -19.06 -17.77
C VAL B 104 -13.24 -18.97 -18.49
N GLY B 105 -12.17 -18.67 -17.74
CA GLY B 105 -10.93 -18.24 -18.33
C GLY B 105 -9.75 -19.13 -17.96
N GLY B 106 -8.66 -18.95 -18.71
CA GLY B 106 -7.41 -19.61 -18.40
C GLY B 106 -7.39 -21.08 -18.81
N SER B 107 -6.79 -21.90 -17.95
CA SER B 107 -6.83 -23.34 -18.11
C SER B 107 -7.78 -23.91 -17.06
N TYR B 108 -8.87 -23.16 -16.87
CA TYR B 108 -10.07 -23.60 -16.19
C TYR B 108 -11.12 -23.92 -17.25
N LEU B 109 -11.99 -24.89 -16.95
CA LEU B 109 -13.09 -25.21 -17.87
C LEU B 109 -14.46 -25.09 -17.23
N TYR B 110 -14.59 -25.34 -15.93
CA TYR B 110 -15.90 -25.48 -15.29
C TYR B 110 -16.27 -24.33 -14.36
N THR B 111 -15.31 -23.66 -13.71
CA THR B 111 -15.63 -22.69 -12.66
C THR B 111 -15.36 -21.26 -13.10
N HIS B 112 -16.32 -20.37 -12.82
CA HIS B 112 -16.21 -18.94 -13.11
C HIS B 112 -15.60 -18.21 -11.92
N PHE B 113 -14.79 -17.19 -12.21
CA PHE B 113 -14.21 -16.47 -11.07
C PHE B 113 -14.74 -15.04 -10.99
N PRO B 114 -15.23 -14.64 -9.82
CA PRO B 114 -15.87 -13.31 -9.68
C PRO B 114 -14.84 -12.19 -9.77
N GLY B 115 -15.24 -11.10 -10.43
CA GLY B 115 -14.34 -9.97 -10.52
C GLY B 115 -14.34 -9.24 -11.84
N LEU B 116 -13.66 -8.08 -11.85
CA LEU B 116 -13.44 -7.36 -13.08
C LEU B 116 -12.65 -8.24 -14.04
N THR B 117 -13.10 -8.27 -15.30
CA THR B 117 -12.43 -8.99 -16.35
C THR B 117 -12.55 -8.17 -17.62
N GLU B 118 -12.08 -8.74 -18.73
CA GLU B 118 -12.38 -8.18 -20.05
C GLU B 118 -13.88 -8.31 -20.34
N TYR B 119 -14.52 -7.18 -20.63
CA TYR B 119 -15.91 -7.11 -21.09
C TYR B 119 -15.91 -6.67 -22.56
N ASP B 120 -16.74 -7.29 -23.38
CA ASP B 120 -16.83 -6.82 -24.75
C ASP B 120 -18.03 -5.91 -25.00
N TYR B 121 -19.08 -6.00 -24.19
CA TYR B 121 -20.21 -5.10 -24.35
C TYR B 121 -20.67 -4.62 -22.98
N TRP B 122 -21.03 -3.34 -22.92
CA TRP B 122 -21.65 -2.74 -21.74
C TRP B 122 -22.61 -1.64 -22.20
N GLY B 123 -23.43 -1.15 -21.26
CA GLY B 123 -24.50 -0.22 -21.56
C GLY B 123 -24.12 1.25 -21.41
N GLN B 124 -25.16 2.10 -21.37
CA GLN B 124 -24.98 3.54 -21.22
C GLN B 124 -24.79 3.96 -19.76
N GLY B 125 -25.25 3.15 -18.80
CA GLY B 125 -25.01 3.40 -17.40
C GLY B 125 -26.11 4.23 -16.77
N THR B 126 -26.78 3.71 -15.75
CA THR B 126 -27.91 4.40 -15.12
C THR B 126 -27.48 4.93 -13.76
N GLN B 127 -27.72 6.21 -13.51
CA GLN B 127 -27.18 6.86 -12.32
C GLN B 127 -27.99 6.52 -11.08
N VAL B 128 -27.30 6.06 -10.03
CA VAL B 128 -27.89 5.85 -8.71
C VAL B 128 -27.24 6.83 -7.75
N THR B 129 -28.06 7.55 -6.98
CA THR B 129 -27.57 8.55 -6.03
C THR B 129 -28.32 8.35 -4.72
N VAL B 130 -27.58 8.14 -3.64
CA VAL B 130 -28.17 7.97 -2.33
C VAL B 130 -27.93 9.28 -1.58
N SER B 131 -29.01 10.02 -1.38
CA SER B 131 -28.99 11.36 -0.80
C SER B 131 -29.94 11.43 0.37
N SER B 132 -29.47 11.97 1.49
CA SER B 132 -30.34 12.37 2.59
C SER B 132 -31.38 13.41 2.07
N VAL C 3 19.61 5.56 37.14
CA VAL C 3 19.87 5.94 35.76
C VAL C 3 18.81 5.26 34.86
N GLN C 4 17.56 5.21 35.33
CA GLN C 4 16.57 4.25 34.84
C GLN C 4 15.18 4.87 34.83
N LEU C 5 14.17 4.07 34.42
CA LEU C 5 12.78 4.49 34.18
C LEU C 5 11.86 3.29 34.38
N VAL C 6 10.87 3.40 35.25
CA VAL C 6 9.99 2.26 35.58
C VAL C 6 8.54 2.65 35.38
N GLU C 7 7.92 2.17 34.31
CA GLU C 7 6.49 2.32 34.14
C GLU C 7 5.75 1.55 35.23
N SER C 8 4.43 1.71 35.26
CA SER C 8 3.55 1.16 36.30
C SER C 8 2.14 1.58 35.96
N GLY C 9 1.18 0.84 36.48
CA GLY C 9 -0.19 1.06 36.08
C GLY C 9 -0.56 0.30 34.83
N GLY C 10 -1.87 0.24 34.57
CA GLY C 10 -2.40 -0.60 33.53
C GLY C 10 -2.69 -2.01 34.03
N GLY C 11 -3.39 -2.75 33.19
CA GLY C 11 -3.93 -4.07 33.48
C GLY C 11 -5.00 -4.38 32.43
N PHE C 12 -6.02 -5.11 32.87
CA PHE C 12 -7.18 -5.36 32.02
C PHE C 12 -8.30 -4.40 32.44
N VAL C 13 -8.88 -3.71 31.45
CA VAL C 13 -10.04 -2.84 31.62
C VAL C 13 -10.97 -3.11 30.42
N GLN C 14 -12.19 -2.58 30.51
CA GLN C 14 -13.19 -2.86 29.48
C GLN C 14 -13.27 -1.72 28.47
N PRO C 15 -13.72 -2.01 27.23
CA PRO C 15 -13.95 -0.95 26.22
C PRO C 15 -14.75 0.26 26.71
N GLY C 16 -14.12 1.43 26.71
CA GLY C 16 -14.69 2.61 27.33
C GLY C 16 -14.22 2.84 28.74
N GLY C 17 -13.43 1.94 29.30
CA GLY C 17 -12.84 2.12 30.61
C GLY C 17 -11.74 3.16 30.63
N SER C 18 -10.82 3.05 31.58
CA SER C 18 -9.80 4.06 31.73
C SER C 18 -8.58 3.45 32.41
N LEU C 19 -7.53 4.26 32.53
CA LEU C 19 -6.29 3.88 33.19
C LEU C 19 -5.39 5.10 33.27
N ARG C 20 -4.53 5.11 34.27
CA ARG C 20 -3.57 6.20 34.48
C ARG C 20 -2.23 5.53 34.71
N LEU C 21 -1.39 5.51 33.67
CA LEU C 21 -0.06 4.96 33.77
C LEU C 21 0.89 6.00 34.36
N SER C 22 1.90 5.51 35.06
CA SER C 22 2.91 6.33 35.70
C SER C 22 4.27 5.84 35.23
N CYS C 23 5.26 6.72 35.32
CA CYS C 23 6.64 6.33 35.02
C CYS C 23 7.54 7.09 35.98
N LEU C 24 8.09 6.39 36.98
CA LEU C 24 8.99 7.01 37.93
C LEU C 24 10.39 7.06 37.31
N ALA C 25 10.83 8.25 36.97
CA ALA C 25 12.20 8.38 36.52
C ALA C 25 13.15 8.35 37.70
N SER C 26 14.44 8.23 37.40
CA SER C 26 15.47 8.16 38.44
C SER C 26 16.84 8.33 37.78
N GLY C 27 17.73 8.98 38.50
CA GLY C 27 19.11 9.04 38.06
C GLY C 27 19.48 10.22 37.17
N PHE C 28 18.52 11.07 36.78
CA PHE C 28 18.81 12.17 35.87
C PHE C 28 17.89 13.36 36.18
N ALA C 29 18.27 14.52 35.64
CA ALA C 29 17.54 15.79 35.82
C ALA C 29 16.23 15.78 35.02
N PHE C 30 15.20 15.14 35.62
CA PHE C 30 13.90 14.96 34.96
C PHE C 30 13.35 16.24 34.34
N GLY C 31 13.73 17.40 34.87
CA GLY C 31 13.25 18.66 34.30
C GLY C 31 13.89 18.99 32.97
N ASP C 32 15.17 18.81 32.86
CA ASP C 32 15.91 19.16 31.65
C ASP C 32 15.53 18.30 30.37
N HIS C 33 14.54 17.41 30.37
CA HIS C 33 14.29 16.56 29.21
C HIS C 33 12.82 16.56 28.86
N TYR C 34 12.55 16.52 27.55
CA TYR C 34 11.26 16.04 27.09
C TYR C 34 11.10 14.55 27.47
N MET C 35 9.84 14.12 27.51
CA MET C 35 9.53 12.72 27.74
C MET C 35 8.47 12.27 26.76
N THR C 36 8.42 10.94 26.52
CA THR C 36 7.63 10.32 25.46
C THR C 36 6.87 9.13 26.01
N TRP C 37 5.70 8.85 25.42
CA TRP C 37 5.05 7.55 25.49
C TRP C 37 5.07 6.89 24.10
N VAL C 38 5.46 5.61 24.03
CA VAL C 38 5.28 4.85 22.81
C VAL C 38 4.51 3.57 23.12
N ARG C 39 3.98 2.96 22.06
CA ARG C 39 3.19 1.73 22.10
C ARG C 39 3.89 0.63 21.33
N GLN C 40 3.76 -0.61 21.80
CA GLN C 40 4.23 -1.77 21.04
C GLN C 40 3.25 -2.93 21.26
N ALA C 41 2.40 -3.18 20.25
CA ALA C 41 1.67 -4.44 20.16
C ALA C 41 2.65 -5.59 19.88
N PRO C 42 2.31 -6.83 20.25
CA PRO C 42 3.30 -7.92 20.14
C PRO C 42 3.64 -8.25 18.69
N GLY C 43 4.94 -8.42 18.42
CA GLY C 43 5.43 -8.63 17.07
C GLY C 43 5.18 -7.50 16.09
N LYS C 44 5.20 -6.24 16.56
CA LYS C 44 5.06 -5.05 15.72
C LYS C 44 6.10 -4.02 16.14
N GLY C 45 6.18 -2.92 15.37
CA GLY C 45 7.10 -1.84 15.68
C GLY C 45 6.62 -1.00 16.83
N LEU C 46 7.42 0.04 17.15
CA LEU C 46 7.00 1.05 18.12
C LEU C 46 5.99 1.97 17.47
N GLU C 47 4.89 2.25 18.16
CA GLU C 47 4.00 3.33 17.76
C GLU C 47 4.12 4.48 18.75
N TRP C 48 4.30 5.69 18.23
CA TRP C 48 4.48 6.86 19.06
C TRP C 48 3.13 7.33 19.57
N VAL C 49 3.07 7.67 20.85
CA VAL C 49 1.83 8.07 21.49
C VAL C 49 1.84 9.56 21.85
N SER C 50 2.87 10.03 22.56
CA SER C 50 2.87 11.42 22.97
C SER C 50 4.28 11.87 23.36
N ASP C 51 4.45 13.19 23.31
CA ASP C 51 5.60 13.87 23.88
C ASP C 51 5.10 14.97 24.80
N ILE C 52 6.01 15.45 25.65
CA ILE C 52 5.74 16.54 26.56
C ILE C 52 7.05 17.28 26.77
N ASN C 53 6.97 18.60 26.92
CA ASN C 53 8.16 19.44 27.03
C ASN C 53 8.63 19.56 28.47
N ASN C 54 9.75 20.27 28.65
CA ASN C 54 10.42 20.33 29.96
C ASN C 54 9.46 20.68 31.08
N TYR C 55 8.58 21.66 30.87
CA TYR C 55 7.72 22.17 31.95
C TYR C 55 6.33 21.55 31.99
N GLY C 56 5.79 21.10 30.87
CA GLY C 56 4.49 20.45 30.84
C GLY C 56 3.39 21.22 30.16
N ASP C 57 3.69 22.42 29.63
CA ASP C 57 2.65 23.25 29.01
C ASP C 57 2.46 22.94 27.53
N ASN C 58 3.46 22.33 26.86
CA ASN C 58 3.32 21.82 25.50
C ASN C 58 3.25 20.29 25.54
N THR C 59 2.11 19.74 25.13
CA THR C 59 1.92 18.31 24.98
C THR C 59 1.50 18.00 23.55
N PHE C 60 2.15 16.99 22.99
CA PHE C 60 1.88 16.61 21.59
C PHE C 60 1.37 15.21 21.63
N TYR C 61 0.28 14.96 20.92
CA TYR C 61 -0.34 13.61 20.94
C TYR C 61 -0.46 13.13 19.52
N SER C 62 -0.77 11.85 19.36
CA SER C 62 -0.92 11.27 18.01
C SER C 62 -2.36 11.45 17.55
N GLN C 63 -2.91 10.45 16.89
CA GLN C 63 -4.33 10.50 16.49
C GLN C 63 -5.09 9.68 17.54
N SER C 64 -4.78 9.91 18.81
CA SER C 64 -5.49 9.20 19.91
C SER C 64 -5.73 10.18 21.05
N VAL C 65 -6.51 11.23 20.81
CA VAL C 65 -6.85 12.19 21.91
C VAL C 65 -7.84 11.53 22.89
N LYS C 66 -8.44 10.40 22.49
CA LYS C 66 -9.44 9.70 23.34
C LYS C 66 -9.30 10.20 24.78
N PHE C 69 -6.82 10.81 25.99
CA PHE C 69 -5.43 10.50 26.38
C PHE C 69 -4.73 11.79 26.68
N THR C 70 -4.15 11.91 27.86
CA THR C 70 -3.50 13.17 28.26
C THR C 70 -2.20 12.87 28.96
N VAL C 71 -1.15 13.58 28.58
CA VAL C 71 0.18 13.37 29.20
C VAL C 71 0.37 14.47 30.26
N SER C 72 0.97 14.12 31.38
CA SER C 72 1.23 15.11 32.46
C SER C 72 2.61 14.83 33.05
N ARG C 73 3.22 15.80 33.71
CA ARG C 73 4.52 15.55 34.36
C ARG C 73 4.59 16.30 35.70
N ASP C 74 5.12 15.66 36.74
CA ASP C 74 5.32 16.32 38.07
C ASP C 74 6.82 16.29 38.31
N ASN C 75 7.51 17.28 37.81
CA ASN C 75 8.97 17.24 37.87
C ASN C 75 9.52 17.25 39.30
N ALA C 76 8.68 17.57 40.30
CA ALA C 76 9.10 17.39 41.70
C ALA C 76 9.13 15.91 42.06
N LYS C 77 8.00 15.22 41.85
CA LYS C 77 7.82 13.79 42.07
C LYS C 77 8.50 12.91 40.99
N ASN C 78 9.29 13.50 40.08
CA ASN C 78 9.96 12.84 38.95
C ASN C 78 9.08 11.81 38.25
N THR C 79 7.78 12.04 38.20
CA THR C 79 6.81 11.11 37.64
C THR C 79 6.24 11.65 36.33
N LEU C 80 6.14 10.77 35.33
CA LEU C 80 5.43 11.07 34.09
C LEU C 80 4.15 10.24 34.04
N TYR C 81 3.04 10.87 33.71
CA TYR C 81 1.74 10.23 33.78
C TYR C 81 1.10 10.19 32.40
N LEU C 82 0.16 9.26 32.21
CA LEU C 82 -0.65 9.24 30.98
C LEU C 82 -2.04 8.73 31.36
N GLU C 83 -3.00 9.66 31.40
CA GLU C 83 -4.38 9.34 31.74
C GLU C 83 -5.11 8.94 30.45
N MET C 84 -5.50 7.68 30.37
CA MET C 84 -6.13 7.12 29.17
C MET C 84 -7.62 6.94 29.40
N LYS C 85 -8.44 7.59 28.59
CA LYS C 85 -9.88 7.51 28.67
C LYS C 85 -10.47 7.05 27.34
N SER C 86 -11.74 6.65 27.39
CA SER C 86 -12.48 6.17 26.22
C SER C 86 -11.67 5.12 25.45
N LEU C 87 -11.07 4.20 26.20
CA LEU C 87 -10.25 3.15 25.60
C LEU C 87 -11.06 2.35 24.59
N GLU C 88 -10.40 1.97 23.50
CA GLU C 88 -10.92 1.01 22.56
C GLU C 88 -10.14 -0.29 22.70
N PRO C 89 -10.61 -1.38 22.09
CA PRO C 89 -9.79 -2.60 22.08
C PRO C 89 -8.51 -2.42 21.30
N GLU C 90 -8.50 -1.57 20.26
CA GLU C 90 -7.32 -1.31 19.44
C GLU C 90 -6.22 -0.57 20.18
N ASP C 91 -6.49 -0.07 21.39
CA ASP C 91 -5.50 0.55 22.26
C ASP C 91 -4.69 -0.47 23.08
N THR C 92 -4.80 -1.77 22.76
CA THR C 92 -4.11 -2.83 23.50
C THR C 92 -2.67 -2.99 22.97
N ALA C 93 -1.70 -2.80 23.86
CA ALA C 93 -0.29 -3.01 23.55
C ALA C 93 0.50 -2.88 24.84
N LEU C 94 1.81 -2.95 24.73
CA LEU C 94 2.71 -2.64 25.85
C LEU C 94 3.16 -1.19 25.71
N TYR C 95 3.14 -0.46 26.83
CA TYR C 95 3.23 1.00 26.84
C TYR C 95 4.54 1.41 27.48
N TYR C 96 5.32 2.21 26.77
CA TYR C 96 6.68 2.48 27.17
C TYR C 96 6.87 3.96 27.49
N CYS C 97 7.64 4.24 28.55
CA CYS C 97 8.11 5.57 28.88
C CYS C 97 9.53 5.69 28.34
N ALA C 98 9.82 6.80 27.65
CA ALA C 98 11.11 6.92 26.96
C ALA C 98 11.51 8.38 26.87
N ARG C 99 12.81 8.60 26.94
CA ARG C 99 13.43 9.93 26.93
C ARG C 99 14.19 10.14 25.63
N PRO C 100 13.82 11.11 24.79
CA PRO C 100 14.67 11.45 23.63
C PRO C 100 16.09 11.82 24.01
N ARG C 101 17.02 11.64 23.07
CA ARG C 101 18.42 11.91 23.33
C ARG C 101 18.70 13.40 23.30
N LYS C 102 18.65 14.01 22.12
CA LYS C 102 18.81 15.43 21.97
C LYS C 102 17.58 15.96 21.26
N HIS C 112 9.76 21.81 17.99
CA HIS C 112 9.62 20.37 18.24
C HIS C 112 8.82 19.65 17.17
N PHE C 113 9.48 18.82 16.37
CA PHE C 113 8.75 17.92 15.50
C PHE C 113 8.32 16.72 16.33
N PRO C 114 7.04 16.56 16.61
CA PRO C 114 6.61 15.45 17.46
C PRO C 114 6.71 14.12 16.73
N GLY C 115 7.06 13.09 17.48
CA GLY C 115 6.97 11.74 17.00
C GLY C 115 8.24 11.00 17.26
N LEU C 116 8.39 9.86 16.56
CA LEU C 116 9.47 8.93 16.87
C LEU C 116 10.82 9.53 16.52
N THR C 117 11.77 9.32 17.41
CA THR C 117 13.14 9.79 17.20
C THR C 117 14.07 8.82 17.91
N GLU C 118 15.37 9.16 17.92
CA GLU C 118 16.33 8.34 18.67
C GLU C 118 16.12 8.51 20.17
N TYR C 119 15.71 7.44 20.86
CA TYR C 119 15.57 7.43 22.31
C TYR C 119 16.80 6.78 22.97
N ASP C 120 17.37 7.45 24.00
CA ASP C 120 18.53 6.91 24.69
C ASP C 120 18.19 6.15 25.97
N TYR C 121 16.97 6.24 26.49
CA TYR C 121 16.57 5.47 27.66
C TYR C 121 15.09 5.15 27.54
N TRP C 122 14.72 3.96 27.98
CA TRP C 122 13.30 3.64 28.07
C TRP C 122 13.13 2.57 29.13
N GLY C 123 11.88 2.26 29.43
CA GLY C 123 11.55 1.36 30.50
C GLY C 123 11.22 -0.03 29.99
N GLN C 124 10.71 -0.85 30.89
CA GLN C 124 10.38 -2.23 30.59
C GLN C 124 8.97 -2.40 30.06
N GLY C 125 8.10 -1.45 30.33
CA GLY C 125 6.76 -1.45 29.79
C GLY C 125 5.72 -1.79 30.85
N THR C 126 4.50 -1.38 30.58
CA THR C 126 3.33 -1.76 31.37
C THR C 126 2.25 -2.17 30.39
N GLN C 127 1.64 -3.32 30.65
CA GLN C 127 0.70 -3.90 29.69
C GLN C 127 -0.67 -3.27 29.87
N VAL C 128 -1.24 -2.80 28.78
CA VAL C 128 -2.63 -2.35 28.75
C VAL C 128 -3.38 -3.21 27.74
N THR C 129 -4.41 -3.87 28.22
CA THR C 129 -5.24 -4.76 27.40
C THR C 129 -6.68 -4.32 27.64
N VAL C 130 -7.26 -3.59 26.70
CA VAL C 130 -8.65 -3.16 26.85
C VAL C 130 -9.54 -4.20 26.20
N THR D 18 33.69 -19.22 12.66
CA THR D 18 33.76 -17.87 12.12
C THR D 18 32.36 -17.18 12.25
N ASN D 19 32.12 -16.09 11.51
CA ASN D 19 30.88 -15.33 11.59
C ASN D 19 29.73 -16.12 10.99
N LEU D 20 28.75 -16.50 11.82
CA LEU D 20 27.60 -17.26 11.34
C LEU D 20 26.75 -16.42 10.41
N CYS D 21 25.98 -17.10 9.53
CA CYS D 21 25.24 -16.46 8.45
C CYS D 21 23.99 -15.80 8.98
N PRO D 22 23.66 -14.63 8.47
CA PRO D 22 22.56 -13.80 9.01
C PRO D 22 21.17 -14.27 8.60
N PHE D 23 20.80 -15.50 8.99
CA PHE D 23 19.48 -16.02 8.69
C PHE D 23 18.41 -15.43 9.58
N GLY D 24 18.77 -14.94 10.76
CA GLY D 24 17.78 -14.31 11.64
C GLY D 24 17.15 -13.09 11.00
N GLU D 25 17.96 -12.23 10.38
CA GLU D 25 17.49 -11.03 9.72
C GLU D 25 16.42 -11.32 8.68
N VAL D 26 16.38 -12.55 8.15
CA VAL D 26 15.41 -12.95 7.14
C VAL D 26 14.19 -13.61 7.76
N PHE D 27 14.42 -14.59 8.63
CA PHE D 27 13.35 -15.42 9.17
C PHE D 27 12.58 -14.74 10.29
N ASN D 28 13.22 -13.83 11.03
CA ASN D 28 12.55 -13.12 12.12
C ASN D 28 12.15 -11.70 11.77
N ALA D 29 12.26 -11.29 10.51
CA ALA D 29 11.94 -9.91 10.17
C ALA D 29 10.55 -9.50 10.67
N THR D 30 10.46 -8.27 11.14
CA THR D 30 9.16 -7.75 11.56
C THR D 30 8.19 -7.75 10.39
N ARG D 31 8.62 -7.25 9.24
CA ARG D 31 7.77 -7.11 8.08
C ARG D 31 8.26 -8.01 6.96
N PHE D 32 7.32 -8.44 6.13
CA PHE D 32 7.59 -9.21 4.95
C PHE D 32 7.03 -8.47 3.73
N ALA D 33 7.59 -8.75 2.56
CA ALA D 33 7.20 -8.05 1.35
C ALA D 33 5.90 -8.60 0.81
N SER D 34 5.22 -7.78 0.02
CA SER D 34 4.20 -8.32 -0.84
C SER D 34 4.86 -9.27 -1.85
N VAL D 35 4.10 -10.26 -2.33
CA VAL D 35 4.75 -11.26 -3.18
C VAL D 35 5.12 -10.65 -4.53
N TYR D 36 4.30 -9.73 -5.06
CA TYR D 36 4.71 -9.03 -6.26
C TYR D 36 6.02 -8.28 -6.05
N ALA D 37 6.20 -7.63 -4.91
CA ALA D 37 7.45 -6.91 -4.66
C ALA D 37 8.41 -7.73 -3.82
N TRP D 38 8.61 -8.99 -4.16
CA TRP D 38 9.27 -9.93 -3.27
C TRP D 38 10.70 -9.49 -3.00
N ASN D 39 11.21 -9.92 -1.85
CA ASN D 39 12.43 -9.41 -1.27
C ASN D 39 13.54 -10.47 -1.33
N ARG D 40 14.77 -10.05 -1.62
CA ARG D 40 15.88 -10.98 -1.75
C ARG D 40 17.12 -10.45 -1.03
N LYS D 41 17.76 -11.30 -0.26
CA LYS D 41 18.99 -10.99 0.46
C LYS D 41 20.08 -11.97 0.04
N ARG D 42 21.25 -11.45 -0.33
CA ARG D 42 22.37 -12.32 -0.67
C ARG D 42 23.13 -12.71 0.59
N ILE D 43 23.24 -14.02 0.85
CA ILE D 43 24.12 -14.52 1.91
C ILE D 43 25.49 -14.76 1.29
N SER D 44 26.55 -14.61 2.07
CA SER D 44 27.90 -14.74 1.54
C SER D 44 28.92 -14.60 2.67
N ASN D 45 30.12 -15.17 2.44
CA ASN D 45 31.27 -15.11 3.34
C ASN D 45 30.87 -15.38 4.79
N CYS D 46 30.31 -16.55 5.01
CA CYS D 46 29.76 -16.87 6.32
C CYS D 46 29.54 -18.37 6.42
N VAL D 47 29.27 -18.83 7.63
CA VAL D 47 29.01 -20.24 7.90
C VAL D 47 27.58 -20.40 8.38
N ALA D 48 26.86 -21.33 7.76
CA ALA D 48 25.44 -21.51 7.99
C ALA D 48 25.20 -22.89 8.57
N ASP D 49 24.59 -22.95 9.74
CA ASP D 49 24.17 -24.24 10.31
C ASP D 49 22.78 -24.53 9.77
N TYR D 50 22.71 -25.15 8.60
CA TYR D 50 21.40 -25.42 8.03
C TYR D 50 20.59 -26.40 8.86
N SER D 51 21.26 -27.23 9.67
CA SER D 51 20.51 -28.07 10.60
C SER D 51 19.92 -27.25 11.76
N VAL D 52 20.46 -26.05 12.02
CA VAL D 52 19.94 -25.21 13.10
C VAL D 52 18.50 -24.78 12.81
N LEU D 53 18.15 -24.59 11.53
CA LEU D 53 16.76 -24.25 11.19
C LEU D 53 15.86 -25.45 11.47
N TYR D 54 15.82 -26.42 10.57
CA TYR D 54 15.04 -27.64 10.81
C TYR D 54 15.57 -28.37 12.06
N SER D 58 7.74 -25.90 14.47
CA SER D 58 8.50 -24.85 13.80
C SER D 58 7.77 -24.36 12.55
N PHE D 59 7.85 -25.15 11.48
CA PHE D 59 7.51 -24.74 10.14
C PHE D 59 6.35 -25.54 9.56
N SER D 60 5.53 -24.88 8.75
CA SER D 60 4.42 -25.52 8.06
C SER D 60 4.82 -26.20 6.75
N THR D 61 5.94 -25.77 6.14
CA THR D 61 6.46 -26.35 4.91
C THR D 61 7.99 -26.26 4.95
N PHE D 62 8.65 -27.33 4.54
CA PHE D 62 10.11 -27.38 4.52
C PHE D 62 10.55 -28.40 3.46
N LYS D 63 10.14 -28.18 2.22
CA LYS D 63 10.52 -29.02 1.10
C LYS D 63 11.86 -28.53 0.56
N CYS D 64 12.81 -29.45 0.36
CA CYS D 64 14.04 -29.13 -0.33
C CYS D 64 14.11 -29.86 -1.67
N TYR D 65 14.73 -29.21 -2.65
CA TYR D 65 14.86 -29.69 -4.01
C TYR D 65 16.32 -29.76 -4.40
N GLY D 66 16.73 -30.88 -4.99
CA GLY D 66 18.11 -30.98 -5.40
C GLY D 66 19.12 -31.06 -4.28
N VAL D 67 18.68 -31.26 -3.03
CA VAL D 67 19.58 -31.50 -1.92
C VAL D 67 18.81 -32.01 -0.71
N SER D 68 19.44 -32.89 0.11
CA SER D 68 18.80 -33.41 1.30
C SER D 68 18.86 -32.39 2.43
N PRO D 69 17.84 -32.38 3.33
CA PRO D 69 17.85 -31.44 4.46
C PRO D 69 19.00 -31.70 5.42
N THR D 70 19.03 -32.89 6.01
CA THR D 70 20.14 -33.29 6.88
C THR D 70 21.49 -33.06 6.21
N LYS D 71 21.59 -33.39 4.93
CA LYS D 71 22.85 -33.32 4.21
C LYS D 71 23.27 -31.89 3.85
N LEU D 72 22.56 -30.86 4.32
CA LEU D 72 22.85 -29.51 3.84
C LEU D 72 24.16 -28.96 4.41
N ASN D 73 24.51 -29.34 5.65
CA ASN D 73 25.68 -28.78 6.33
C ASN D 73 26.99 -28.98 5.57
N ASP D 74 27.07 -29.93 4.63
CA ASP D 74 28.36 -30.34 4.10
C ASP D 74 28.68 -29.77 2.71
N LEU D 75 27.78 -29.00 2.11
CA LEU D 75 28.04 -28.45 0.79
C LEU D 75 28.66 -27.06 0.91
N CYS D 76 29.15 -26.55 -0.22
CA CYS D 76 29.71 -25.21 -0.33
C CYS D 76 29.21 -24.59 -1.62
N PHE D 77 28.92 -23.28 -1.58
CA PHE D 77 28.27 -22.62 -2.70
C PHE D 77 28.89 -21.25 -2.90
N THR D 78 28.87 -20.79 -4.15
CA THR D 78 29.45 -19.49 -4.42
C THR D 78 28.57 -18.37 -3.88
N ASN D 79 27.25 -18.57 -3.86
CA ASN D 79 26.35 -17.65 -3.20
C ASN D 79 25.07 -18.37 -2.79
N VAL D 80 24.43 -17.87 -1.73
CA VAL D 80 23.08 -18.25 -1.34
C VAL D 80 22.20 -17.02 -1.42
N TYR D 81 20.99 -17.19 -1.92
CA TYR D 81 20.00 -16.13 -1.96
C TYR D 81 18.85 -16.52 -1.03
N ALA D 82 18.31 -15.53 -0.34
CA ALA D 82 17.17 -15.71 0.55
C ALA D 82 16.05 -14.80 0.07
N ASP D 83 15.00 -15.40 -0.50
CA ASP D 83 13.81 -14.69 -0.96
C ASP D 83 12.73 -14.85 0.07
N SER D 84 11.84 -13.86 0.19
CA SER D 84 10.79 -13.93 1.21
C SER D 84 9.68 -12.96 0.88
N PHE D 85 8.47 -13.38 1.25
CA PHE D 85 7.23 -12.70 0.87
C PHE D 85 6.07 -13.32 1.66
N VAL D 86 4.87 -12.79 1.43
CA VAL D 86 3.65 -13.30 2.04
C VAL D 86 2.67 -13.63 0.93
N ILE D 87 2.09 -14.82 1.00
CA ILE D 87 1.02 -15.25 0.11
C ILE D 87 -0.06 -15.92 0.94
N ARG D 88 -1.12 -16.39 0.26
CA ARG D 88 -2.14 -17.22 0.86
C ARG D 88 -1.63 -18.64 1.11
N GLY D 89 -2.29 -19.33 2.05
CA GLY D 89 -1.86 -20.67 2.43
C GLY D 89 -2.00 -21.70 1.32
N ASP D 90 -3.11 -21.67 0.59
CA ASP D 90 -3.28 -22.60 -0.51
C ASP D 90 -2.71 -22.05 -1.81
N GLU D 91 -1.73 -21.16 -1.73
CA GLU D 91 -0.89 -20.82 -2.87
C GLU D 91 0.57 -21.21 -2.65
N VAL D 92 0.97 -21.50 -1.41
CA VAL D 92 2.29 -22.05 -1.10
C VAL D 92 2.59 -23.27 -1.96
N ARG D 93 1.53 -23.91 -2.45
CA ARG D 93 1.66 -24.99 -3.43
C ARG D 93 2.54 -24.57 -4.59
N GLN D 94 2.29 -23.37 -5.16
CA GLN D 94 2.96 -22.86 -6.35
C GLN D 94 4.38 -22.38 -6.10
N ILE D 95 4.86 -22.38 -4.85
CA ILE D 95 6.25 -21.99 -4.61
C ILE D 95 7.07 -23.26 -4.77
N ALA D 96 7.21 -23.70 -6.02
CA ALA D 96 7.77 -25.01 -6.35
C ALA D 96 8.14 -25.05 -7.82
N PRO D 97 9.15 -25.85 -8.19
CA PRO D 97 9.51 -25.97 -9.61
C PRO D 97 8.33 -26.43 -10.46
N GLY D 98 8.31 -25.94 -11.70
CA GLY D 98 7.23 -26.23 -12.62
C GLY D 98 5.79 -26.18 -12.10
N GLN D 99 5.33 -25.01 -11.62
CA GLN D 99 3.94 -24.87 -11.26
C GLN D 99 3.32 -23.70 -12.02
N THR D 100 1.99 -23.69 -12.04
CA THR D 100 1.23 -22.57 -12.57
C THR D 100 0.23 -22.10 -11.52
N GLY D 101 -0.40 -20.97 -11.82
CA GLY D 101 -1.21 -20.23 -10.88
C GLY D 101 -0.84 -18.76 -10.91
N LYS D 102 -1.67 -17.98 -10.23
CA LYS D 102 -1.47 -16.54 -10.26
C LYS D 102 -0.14 -16.14 -9.64
N ILE D 103 0.23 -16.82 -8.56
CA ILE D 103 1.49 -16.50 -7.89
C ILE D 103 2.66 -16.89 -8.77
N ALA D 104 2.66 -18.14 -9.26
CA ALA D 104 3.78 -18.58 -10.08
C ALA D 104 3.83 -17.87 -11.44
N ASP D 105 2.68 -17.49 -12.01
CA ASP D 105 2.75 -16.90 -13.35
C ASP D 105 3.09 -15.41 -13.29
N TYR D 106 2.61 -14.71 -12.27
CA TYR D 106 2.62 -13.27 -12.30
C TYR D 106 3.45 -12.63 -11.20
N ASN D 107 3.88 -13.40 -10.22
CA ASN D 107 4.41 -12.79 -9.01
C ASN D 107 5.79 -13.35 -8.66
N TYR D 108 5.92 -14.65 -8.49
CA TYR D 108 7.23 -15.20 -8.13
C TYR D 108 7.37 -16.61 -8.69
N LYS D 109 8.27 -16.79 -9.66
CA LYS D 109 8.42 -18.05 -10.39
C LYS D 109 9.76 -18.70 -10.10
N LEU D 110 9.73 -19.89 -9.54
CA LEU D 110 10.94 -20.66 -9.37
C LEU D 110 11.33 -21.35 -10.69
N PRO D 111 12.63 -21.45 -10.97
CA PRO D 111 13.09 -22.19 -12.15
C PRO D 111 12.94 -23.68 -11.97
N ASP D 112 12.93 -24.38 -13.11
CA ASP D 112 12.70 -25.83 -13.09
C ASP D 112 13.88 -26.59 -12.46
N ASP D 113 15.12 -26.19 -12.77
CA ASP D 113 16.30 -26.74 -12.13
C ASP D 113 16.60 -26.10 -10.79
N PHE D 114 15.57 -25.88 -9.98
CA PHE D 114 15.75 -25.20 -8.71
C PHE D 114 16.46 -26.11 -7.71
N THR D 115 17.48 -25.58 -7.04
CA THR D 115 18.15 -26.29 -5.96
C THR D 115 18.11 -25.41 -4.72
N GLY D 116 17.42 -25.87 -3.70
CA GLY D 116 17.27 -25.13 -2.47
C GLY D 116 15.93 -25.43 -1.85
N CYS D 117 15.71 -24.82 -0.69
CA CYS D 117 14.57 -25.18 0.15
C CYS D 117 13.51 -24.10 0.12
N VAL D 118 12.26 -24.53 0.13
CA VAL D 118 11.12 -23.64 0.23
C VAL D 118 10.54 -23.86 1.61
N ILE D 119 10.60 -22.83 2.44
CA ILE D 119 10.21 -22.91 3.84
C ILE D 119 9.06 -21.94 4.05
N ALA D 120 7.95 -22.42 4.63
CA ALA D 120 6.80 -21.57 4.91
C ALA D 120 6.27 -21.86 6.30
N TRP D 121 5.58 -20.86 6.86
CA TRP D 121 4.93 -21.00 8.16
C TRP D 121 3.73 -20.07 8.24
N ASN D 122 2.66 -20.56 8.88
CA ASN D 122 1.44 -19.76 9.02
C ASN D 122 1.69 -18.56 9.93
N SER D 123 1.10 -17.43 9.57
CA SER D 123 1.34 -16.20 10.27
C SER D 123 0.05 -15.41 10.43
N ASN D 124 -1.05 -16.12 10.72
CA ASN D 124 -2.30 -15.43 11.06
C ASN D 124 -2.09 -14.49 12.23
N ASN D 125 -1.30 -14.91 13.21
CA ASN D 125 -1.08 -14.11 14.42
C ASN D 125 -0.49 -12.74 14.11
N LEU D 126 0.35 -12.61 13.07
CA LEU D 126 1.04 -11.36 12.82
C LEU D 126 0.46 -10.54 11.69
N ASP D 127 -0.10 -11.17 10.66
CA ASP D 127 -0.34 -10.51 9.38
C ASP D 127 -1.82 -10.30 9.06
N SER D 128 -2.73 -10.72 9.94
CA SER D 128 -4.14 -10.40 9.80
C SER D 128 -4.52 -9.37 10.84
N LYS D 129 -5.47 -8.51 10.48
CA LYS D 129 -6.00 -7.52 11.41
C LYS D 129 -7.51 -7.71 11.51
N VAL D 130 -8.06 -7.32 12.67
CA VAL D 130 -9.51 -7.34 12.86
C VAL D 130 -10.14 -6.39 11.87
N GLY D 131 -11.06 -6.90 11.07
CA GLY D 131 -11.61 -6.16 9.94
C GLY D 131 -10.83 -6.33 8.65
N GLY D 132 -9.55 -6.72 8.74
CA GLY D 132 -8.75 -6.99 7.55
C GLY D 132 -7.44 -6.23 7.47
N ASN D 133 -6.36 -6.95 7.20
CA ASN D 133 -5.11 -6.36 6.72
C ASN D 133 -5.16 -6.34 5.19
N TYR D 134 -4.98 -5.15 4.62
CA TYR D 134 -4.96 -5.00 3.17
C TYR D 134 -3.61 -4.46 2.67
N ASN D 135 -2.56 -4.57 3.51
CA ASN D 135 -1.20 -4.18 3.15
C ASN D 135 -0.50 -5.15 2.21
N TYR D 136 -0.88 -6.41 2.17
CA TYR D 136 -0.21 -7.39 1.30
C TYR D 136 -0.91 -7.44 -0.05
N LEU D 137 -0.17 -7.16 -1.11
CA LEU D 137 -0.68 -7.19 -2.46
C LEU D 137 -0.12 -8.37 -3.25
N TYR D 138 -0.78 -8.66 -4.36
CA TYR D 138 -0.30 -9.61 -5.35
C TYR D 138 -0.71 -9.10 -6.73
N ARG D 139 0.10 -9.40 -7.74
CA ARG D 139 -0.26 -9.02 -9.10
C ARG D 139 -1.38 -9.92 -9.63
N LEU D 140 -2.37 -9.31 -10.27
CA LEU D 140 -3.58 -10.00 -10.71
C LEU D 140 -3.79 -9.96 -12.23
N PHE D 141 -3.20 -9.01 -12.93
CA PHE D 141 -3.21 -8.99 -14.38
C PHE D 141 -1.78 -8.87 -14.90
N ARG D 142 -1.41 -9.68 -15.89
CA ARG D 142 -0.15 -9.46 -16.58
C ARG D 142 -0.22 -10.03 -18.00
N LYS D 143 0.34 -9.28 -18.95
CA LYS D 143 0.35 -9.70 -20.35
C LYS D 143 1.07 -11.03 -20.53
N SER D 144 2.31 -11.13 -20.04
CA SER D 144 3.10 -12.35 -20.17
C SER D 144 3.39 -12.93 -18.80
N ASN D 145 3.98 -14.12 -18.78
CA ASN D 145 4.42 -14.72 -17.53
C ASN D 145 5.82 -14.28 -17.19
N LEU D 146 6.18 -14.46 -15.92
CA LEU D 146 7.46 -14.02 -15.42
C LEU D 146 8.51 -15.05 -15.76
N LYS D 147 9.69 -14.59 -16.16
CA LYS D 147 10.86 -15.44 -16.20
C LYS D 147 11.18 -15.90 -14.77
N PRO D 148 11.98 -16.95 -14.60
CA PRO D 148 12.30 -17.38 -13.23
C PRO D 148 13.14 -16.32 -12.53
N PHE D 149 12.76 -16.00 -11.28
CA PHE D 149 13.37 -14.98 -10.43
C PHE D 149 13.28 -13.58 -11.01
N GLU D 150 12.37 -13.36 -11.95
CA GLU D 150 12.01 -12.02 -12.39
C GLU D 150 11.12 -11.34 -11.32
N ARG D 151 11.11 -10.00 -11.37
CA ARG D 151 10.43 -9.20 -10.37
C ARG D 151 9.76 -8.03 -11.06
N ASP D 152 8.43 -7.94 -10.98
CA ASP D 152 7.70 -6.90 -11.67
C ASP D 152 6.99 -6.03 -10.62
N ILE D 153 7.45 -4.78 -10.46
CA ILE D 153 6.88 -3.88 -9.47
C ILE D 153 6.09 -2.74 -10.10
N SER D 154 5.86 -2.76 -11.41
CA SER D 154 5.15 -1.66 -12.06
C SER D 154 3.67 -1.62 -11.69
N THR D 155 3.09 -0.42 -11.75
CA THR D 155 1.66 -0.27 -11.54
C THR D 155 1.01 0.45 -12.72
N GLU D 156 1.53 0.25 -13.93
CA GLU D 156 0.84 0.75 -15.11
C GLU D 156 -0.51 0.05 -15.28
N ILE D 157 -1.43 0.73 -15.94
CA ILE D 157 -2.78 0.21 -16.06
C ILE D 157 -2.80 -0.93 -17.08
N TYR D 158 -3.49 -2.02 -16.72
CA TYR D 158 -3.52 -3.23 -17.54
C TYR D 158 -4.64 -3.12 -18.55
N GLN D 159 -4.26 -3.06 -19.82
CA GLN D 159 -5.20 -3.03 -20.92
C GLN D 159 -5.77 -4.42 -21.13
N ALA D 160 -7.06 -4.62 -20.82
CA ALA D 160 -7.65 -5.94 -20.99
C ALA D 160 -8.14 -6.18 -22.40
N GLY D 161 -8.57 -5.13 -23.10
CA GLY D 161 -9.08 -5.24 -24.45
C GLY D 161 -8.17 -4.54 -25.45
N SER D 162 -8.76 -4.04 -26.54
CA SER D 162 -8.00 -3.42 -27.61
C SER D 162 -8.04 -1.89 -27.55
N THR D 163 -9.00 -1.35 -26.85
CA THR D 163 -9.10 0.08 -26.68
C THR D 163 -7.97 0.53 -25.76
N PRO D 164 -7.13 1.47 -26.18
CA PRO D 164 -6.04 1.91 -25.29
C PRO D 164 -6.59 2.61 -24.04
N CYS D 165 -5.81 2.52 -22.96
CA CYS D 165 -6.07 3.27 -21.74
C CYS D 165 -5.12 4.45 -21.71
N ASN D 166 -5.66 5.67 -21.73
CA ASN D 166 -4.84 6.87 -21.63
C ASN D 166 -4.63 7.18 -20.15
N GLY D 167 -4.11 6.17 -19.46
CA GLY D 167 -3.88 6.22 -18.02
C GLY D 167 -5.12 6.35 -17.17
N VAL D 168 -6.30 6.00 -17.69
CA VAL D 168 -7.54 6.21 -16.98
C VAL D 168 -8.20 4.86 -16.75
N GLU D 169 -8.39 4.50 -15.48
CA GLU D 169 -9.06 3.25 -15.14
C GLU D 169 -10.52 3.28 -15.61
N GLY D 170 -11.04 2.10 -15.94
CA GLY D 170 -12.39 2.02 -16.48
C GLY D 170 -12.63 0.65 -17.05
N PHE D 171 -13.53 0.59 -18.05
CA PHE D 171 -13.85 -0.67 -18.70
C PHE D 171 -12.63 -1.19 -19.44
N ASN D 172 -12.20 -2.40 -19.09
CA ASN D 172 -11.05 -3.04 -19.70
C ASN D 172 -9.77 -2.26 -19.48
N CYS D 173 -9.65 -1.60 -18.33
CA CYS D 173 -8.47 -0.79 -17.98
C CYS D 173 -8.34 -0.85 -16.45
N TYR D 174 -7.57 -1.82 -15.98
CA TYR D 174 -7.55 -2.17 -14.57
C TYR D 174 -6.20 -1.88 -13.92
N PHE D 175 -6.26 -1.39 -12.68
CA PHE D 175 -5.08 -1.37 -11.85
C PHE D 175 -4.63 -2.81 -11.64
N PRO D 176 -3.34 -3.11 -11.72
CA PRO D 176 -2.91 -4.51 -11.84
C PRO D 176 -2.70 -5.26 -10.52
N LEU D 177 -2.83 -4.62 -9.36
CA LEU D 177 -2.59 -5.30 -8.09
C LEU D 177 -3.89 -5.35 -7.28
N GLN D 178 -3.99 -6.34 -6.40
CA GLN D 178 -5.20 -6.59 -5.64
C GLN D 178 -4.82 -6.94 -4.22
N SER D 179 -5.59 -6.47 -3.25
CA SER D 179 -5.22 -6.75 -1.86
C SER D 179 -5.67 -8.15 -1.48
N TYR D 180 -4.82 -8.86 -0.74
CA TYR D 180 -5.28 -9.99 0.05
C TYR D 180 -6.11 -9.44 1.19
N GLY D 181 -7.29 -9.99 1.41
CA GLY D 181 -7.99 -9.65 2.63
C GLY D 181 -7.69 -10.65 3.73
N PHE D 182 -6.68 -10.38 4.56
CA PHE D 182 -6.30 -11.30 5.63
C PHE D 182 -7.09 -10.95 6.89
N GLN D 183 -8.25 -11.62 7.06
CA GLN D 183 -8.89 -11.48 8.35
C GLN D 183 -8.61 -12.71 9.20
N PRO D 184 -8.47 -12.56 10.53
CA PRO D 184 -8.21 -13.74 11.38
C PRO D 184 -9.31 -14.79 11.30
N THR D 185 -10.52 -14.39 10.90
CA THR D 185 -11.66 -15.30 10.81
C THR D 185 -11.60 -16.24 9.62
N ASN D 186 -10.68 -16.03 8.67
CA ASN D 186 -10.67 -16.82 7.44
C ASN D 186 -10.27 -18.27 7.74
N GLY D 187 -10.38 -19.13 6.70
CA GLY D 187 -9.81 -20.45 6.79
C GLY D 187 -8.31 -20.48 6.45
N VAL D 188 -7.66 -21.61 6.81
CA VAL D 188 -6.21 -21.74 6.62
C VAL D 188 -5.84 -21.48 5.18
N GLY D 189 -6.70 -21.90 4.25
CA GLY D 189 -6.41 -21.70 2.85
C GLY D 189 -6.28 -20.24 2.49
N TYR D 190 -6.96 -19.37 3.21
CA TYR D 190 -6.93 -17.93 2.98
C TYR D 190 -6.23 -17.17 4.09
N GLN D 191 -5.51 -17.88 4.96
CA GLN D 191 -4.71 -17.18 5.97
C GLN D 191 -3.30 -16.90 5.43
N PRO D 192 -2.64 -15.84 5.92
CA PRO D 192 -1.37 -15.45 5.33
C PRO D 192 -0.26 -16.39 5.72
N TYR D 193 0.63 -16.67 4.77
CA TYR D 193 1.79 -17.49 5.03
C TYR D 193 3.05 -16.68 4.73
N ARG D 194 4.06 -16.84 5.60
CA ARG D 194 5.38 -16.31 5.33
C ARG D 194 6.26 -17.39 4.69
N VAL D 195 6.86 -17.06 3.56
CA VAL D 195 7.68 -18.02 2.83
C VAL D 195 9.09 -17.47 2.72
N VAL D 196 10.08 -18.33 2.91
CA VAL D 196 11.49 -18.06 2.62
C VAL D 196 11.96 -19.10 1.61
N VAL D 197 12.60 -18.63 0.54
CA VAL D 197 13.17 -19.49 -0.49
C VAL D 197 14.68 -19.31 -0.45
N LEU D 198 15.40 -20.32 0.01
CA LEU D 198 16.87 -20.34 -0.08
C LEU D 198 17.25 -21.07 -1.37
N SER D 199 18.00 -20.42 -2.24
CA SER D 199 18.48 -21.09 -3.44
C SER D 199 20.00 -21.09 -3.46
N PHE D 200 20.61 -22.26 -3.62
CA PHE D 200 22.05 -22.42 -3.58
C PHE D 200 22.60 -22.49 -5.00
N GLU D 201 23.42 -21.50 -5.38
CA GLU D 201 24.01 -21.45 -6.71
C GLU D 201 25.50 -21.79 -6.64
N LEU D 202 25.94 -22.71 -7.51
CA LEU D 202 27.31 -23.26 -7.51
C LEU D 202 27.97 -22.93 -8.84
N LEU D 203 28.50 -21.72 -8.93
CA LEU D 203 29.13 -21.21 -10.14
C LEU D 203 30.65 -21.43 -10.13
N HIS D 204 31.26 -21.10 -11.28
CA HIS D 204 32.71 -21.20 -11.45
C HIS D 204 33.37 -20.02 -10.75
N ALA D 205 33.59 -20.18 -9.44
CA ALA D 205 34.04 -19.12 -8.54
C ALA D 205 34.26 -19.66 -7.13
N PRO D 206 34.88 -18.90 -6.22
CA PRO D 206 35.13 -19.43 -4.86
C PRO D 206 33.84 -19.64 -4.07
N ALA D 207 33.79 -20.74 -3.32
CA ALA D 207 32.61 -21.08 -2.53
C ALA D 207 32.62 -20.25 -1.24
N THR D 208 31.74 -19.24 -1.18
CA THR D 208 31.63 -18.37 -0.01
C THR D 208 30.85 -19.04 1.11
N VAL D 209 29.58 -19.36 0.85
CA VAL D 209 28.70 -19.88 1.89
C VAL D 209 28.98 -21.37 2.09
N CYS D 210 29.42 -21.73 3.29
CA CYS D 210 29.77 -23.10 3.61
C CYS D 210 29.20 -23.43 4.97
N GLY D 211 28.95 -24.73 5.21
CA GLY D 211 28.41 -25.16 6.49
C GLY D 211 29.48 -25.25 7.57
N PRO D 212 29.06 -25.69 8.77
CA PRO D 212 29.98 -25.81 9.90
C PRO D 212 30.88 -27.06 9.82
C1 NAG E . -7.51 15.99 -20.20
C2 NAG E . -7.06 17.36 -20.74
C3 NAG E . -7.94 18.48 -20.19
C4 NAG E . -9.39 18.03 -20.16
C5 NAG E . -9.54 16.94 -19.11
C6 NAG E . -10.66 15.96 -19.41
C7 NAG E . -4.85 17.24 -19.54
C8 NAG E . -3.44 17.74 -19.58
N2 NAG E . -5.64 17.65 -20.55
O3 NAG E . -7.80 19.64 -21.01
O4 NAG E . -10.27 19.10 -19.86
O5 NAG E . -8.33 16.17 -18.99
O6 NAG E . -11.26 15.49 -18.21
O7 NAG E . -5.25 16.51 -18.63
C1 NAG F . 15.88 -16.37 16.46
C2 NAG F . 16.28 -17.79 16.05
C3 NAG F . 15.95 -18.78 17.17
C4 NAG F . 15.64 -18.05 18.47
C5 NAG F . 14.44 -17.13 18.29
C6 NAG F . 14.28 -16.12 19.40
C7 NAG F . 16.15 -18.02 13.58
C8 NAG F . 15.30 -18.50 12.45
N2 NAG F . 15.62 -18.18 14.81
O3 NAG F . 17.04 -19.65 17.38
O4 NAG F . 15.39 -18.97 19.52
O5 NAG F . 14.55 -16.38 17.05
O6 NAG F . 15.24 -15.08 19.32
O7 NAG F . 17.25 -17.51 13.39
#